data_4L9K
#
_entry.id   4L9K
#
_cell.length_a   58.974
_cell.length_b   59.457
_cell.length_c   96.039
_cell.angle_alpha   74.970
_cell.angle_beta   87.900
_cell.angle_gamma   75.480
#
_symmetry.space_group_name_H-M   'P 1'
#
loop_
_entity.id
_entity.type
_entity.pdbx_description
1 polymer 'SERUM ALBUMIN'
2 non-polymer '(2S)-2-hydroxy-2-[8-(hydroxymethyl)-9-oxo-9,11-dihydroindolizino[1,2-b]quinolin-7-yl]butanoic acid'
3 water water
#
_entity_poly.entity_id   1
_entity_poly.type   'polypeptide(L)'
_entity_poly.pdbx_seq_one_letter_code
;DAHKSEVAHRFKDLGEENFKALVLIAFAQYLQQCPFEDHVKLVNEVTEFAKTCVADESAENCDKSLHTLFGDKLCTVATL
RETYGEMADCCAKQEPERNECFLQHKDDNPNLPRLVRPEVDVMCTAFHDNEETFLKKYLYEIARRHPYFYAPELLFFAKR
YKAAFTECCQAADKAACLLPKLDELRDEGKASSAKQRLKCASLQKFGERAFKAWAVARLSQRFPKAEFAEVSKLVTDLTK
VHTECCHGDLLECADDRADLAKYICENQDSISSKLKECCEKPLLEKSHCIAEVENDEMPADLPSLAADFVESKDVCKNYA
EAKDVFLGMFLYEYARRHPDYSVVLLLRLAKTYETTLEKCCAAADPHECYAKVFDEFKPLVEEPQNLIKQNCELFEQLGE
YKFQNALLVRYTKKVPQVSTPTLVEVSRNLGKVGSKCCKHPEAKRMPCAEDYLSVVLNQLCVLHEKTPVSDRVTKCCTES
LVNRRPCFSALEVDETYVPKEFNAETFTFHADICTLSEKERQIKKQTALVELVKHKPKATKEQLKAVMDDFAAFVEKCCK
ADDKETCFAEEGKKLVAASQAALGL
;
_entity_poly.pdbx_strand_id   A,B
#
loop_
_chem_comp.id
_chem_comp.type
_chem_comp.name
_chem_comp.formula
EHF non-polymer '(2S)-2-hydroxy-2-[8-(hydroxymethyl)-9-oxo-9,11-dihydroindolizino[1,2-b]quinolin-7-yl]butanoic acid' 'C20 H18 N2 O5'
#
# COMPACT_ATOMS: atom_id res chain seq x y z
N SER A 5 35.24 38.70 3.95
CA SER A 5 34.83 37.78 5.00
C SER A 5 33.77 36.83 4.48
N GLU A 6 34.08 35.55 4.47
CA GLU A 6 33.18 34.56 3.90
C GLU A 6 32.09 34.14 4.86
N VAL A 7 32.48 33.91 6.11
CA VAL A 7 31.52 33.42 7.06
C VAL A 7 30.45 34.49 7.33
N ALA A 8 30.81 35.74 7.10
CA ALA A 8 29.86 36.83 7.28
C ALA A 8 28.88 36.79 6.13
N HIS A 9 29.39 36.70 4.91
CA HIS A 9 28.57 36.66 3.70
C HIS A 9 27.57 35.49 3.70
N ARG A 10 28.05 34.32 4.11
CA ARG A 10 27.20 33.17 4.12
C ARG A 10 26.22 33.21 5.29
N PHE A 11 26.66 33.71 6.44
CA PHE A 11 25.77 33.79 7.59
C PHE A 11 24.56 34.65 7.26
N LYS A 12 24.73 35.70 6.48
CA LYS A 12 23.61 36.61 6.28
C LYS A 12 22.73 36.23 5.11
N ASP A 13 23.26 35.43 4.20
CA ASP A 13 22.49 34.91 3.07
C ASP A 13 21.55 33.78 3.45
N LEU A 14 22.00 32.97 4.41
CA LEU A 14 21.30 31.75 4.78
C LEU A 14 20.47 31.93 6.04
N GLY A 15 20.83 32.95 6.82
CA GLY A 15 20.19 33.19 8.09
C GLY A 15 20.71 32.23 9.13
N GLU A 16 20.55 32.60 10.39
CA GLU A 16 21.18 31.89 11.47
C GLU A 16 20.73 30.44 11.64
N GLU A 17 19.43 30.16 11.56
CA GLU A 17 18.92 28.80 11.87
C GLU A 17 19.47 27.73 10.92
N ASN A 18 19.53 28.08 9.63
CA ASN A 18 20.04 27.18 8.61
C ASN A 18 21.58 27.12 8.60
N PHE A 19 22.22 28.28 8.73
CA PHE A 19 23.65 28.35 8.93
C PHE A 19 24.09 27.39 10.04
N LYS A 20 23.44 27.44 11.18
CA LYS A 20 23.76 26.54 12.28
C LYS A 20 23.50 25.10 11.91
N ALA A 21 22.40 24.85 11.20
CA ALA A 21 22.02 23.49 10.85
C ALA A 21 22.99 22.90 9.82
N LEU A 22 23.50 23.77 8.94
CA LEU A 22 24.39 23.31 7.88
C LEU A 22 25.77 23.07 8.46
N VAL A 23 26.18 23.88 9.45
CA VAL A 23 27.49 23.63 10.02
C VAL A 23 27.42 22.31 10.74
N LEU A 24 26.37 22.07 11.53
CA LEU A 24 26.23 20.80 12.26
C LEU A 24 26.27 19.59 11.33
N ILE A 25 25.67 19.74 10.14
CA ILE A 25 25.70 18.71 9.12
C ILE A 25 27.12 18.49 8.63
N ALA A 26 27.81 19.57 8.31
CA ALA A 26 29.20 19.49 7.84
C ALA A 26 30.11 18.78 8.86
N PHE A 27 29.94 19.09 10.15
CA PHE A 27 30.72 18.41 11.15
C PHE A 27 30.28 16.95 11.25
N ALA A 28 28.98 16.71 11.22
CA ALA A 28 28.49 15.35 11.41
C ALA A 28 28.84 14.45 10.22
N GLN A 29 29.05 15.06 9.06
CA GLN A 29 29.40 14.27 7.90
C GLN A 29 30.92 14.00 7.81
N TYR A 30 31.74 14.86 8.43
CA TYR A 30 33.19 14.68 8.47
C TYR A 30 33.67 13.83 9.66
N LEU A 31 33.11 14.04 10.85
CA LEU A 31 33.48 13.27 12.02
C LEU A 31 32.31 12.43 12.48
N GLN A 32 32.02 11.36 11.75
CA GLN A 32 30.78 10.62 11.98
C GLN A 32 30.71 9.89 13.35
N GLN A 33 31.79 9.91 14.11
CA GLN A 33 31.86 9.13 15.33
C GLN A 33 31.79 10.02 16.56
N CYS A 34 32.07 11.31 16.41
CA CYS A 34 31.99 12.20 17.56
C CYS A 34 30.60 12.21 18.13
N PRO A 35 30.51 12.18 19.46
CA PRO A 35 29.17 12.21 20.05
C PRO A 35 28.47 13.53 19.75
N PHE A 36 27.14 13.49 19.77
CA PHE A 36 26.27 14.64 19.51
C PHE A 36 26.59 15.95 20.26
N GLU A 37 26.79 15.86 21.56
CA GLU A 37 27.01 17.07 22.35
C GLU A 37 28.34 17.78 22.02
N ASP A 38 29.34 17.01 21.59
CA ASP A 38 30.60 17.61 21.17
C ASP A 38 30.41 18.45 19.91
N HIS A 39 29.65 17.92 18.96
CA HIS A 39 29.41 18.64 17.70
C HIS A 39 28.60 19.93 17.97
N VAL A 40 27.57 19.82 18.82
CA VAL A 40 26.76 20.98 19.14
C VAL A 40 27.60 22.09 19.73
N LYS A 41 28.44 21.72 20.70
CA LYS A 41 29.41 22.65 21.27
C LYS A 41 30.24 23.37 20.20
N LEU A 42 30.86 22.60 19.31
CA LEU A 42 31.67 23.18 18.24
C LEU A 42 30.82 24.11 17.36
N VAL A 43 29.63 23.66 16.95
CA VAL A 43 28.80 24.48 16.06
C VAL A 43 28.51 25.82 16.73
N ASN A 44 28.25 25.80 18.04
CA ASN A 44 27.95 27.05 18.74
C ASN A 44 29.12 28.04 18.78
N GLU A 45 30.33 27.56 19.05
CA GLU A 45 31.52 28.40 19.01
C GLU A 45 31.66 29.06 17.65
N VAL A 46 31.52 28.26 16.58
CA VAL A 46 31.60 28.78 15.21
C VAL A 46 30.54 29.84 14.98
N THR A 47 29.34 29.63 15.52
CA THR A 47 28.24 30.58 15.35
C THR A 47 28.44 31.90 16.13
N GLU A 48 29.01 31.82 17.35
CA GLU A 48 29.42 33.04 18.09
C GLU A 48 30.32 33.88 17.15
N PHE A 49 31.39 33.24 16.69
CA PHE A 49 32.41 33.89 15.86
C PHE A 49 31.89 34.49 14.55
N ALA A 50 30.96 33.80 13.89
CA ALA A 50 30.40 34.34 12.66
C ALA A 50 29.81 35.70 12.95
N LYS A 51 28.98 35.77 13.98
CA LYS A 51 28.29 37.02 14.33
C LYS A 51 29.29 38.15 14.51
N THR A 52 30.34 37.89 15.27
CA THR A 52 31.46 38.81 15.39
C THR A 52 31.86 39.36 13.99
N CYS A 53 31.96 38.49 12.99
CA CYS A 53 32.36 38.95 11.66
C CYS A 53 31.24 39.71 10.92
N VAL A 54 30.00 39.28 11.09
CA VAL A 54 28.86 40.03 10.54
C VAL A 54 28.84 41.47 11.10
N ALA A 55 29.08 41.57 12.41
CA ALA A 55 29.16 42.86 13.08
C ALA A 55 30.37 43.69 12.65
N ASP A 56 31.45 43.03 12.22
CA ASP A 56 32.68 43.69 11.75
C ASP A 56 33.48 42.77 10.78
N GLU A 57 33.40 43.00 9.48
CA GLU A 57 34.11 42.13 8.55
C GLU A 57 35.64 42.32 8.57
N SER A 58 36.12 43.38 9.21
CA SER A 58 37.55 43.69 9.19
C SER A 58 38.22 43.25 10.47
N ALA A 59 37.47 42.53 11.28
CA ALA A 59 37.96 41.97 12.54
C ALA A 59 38.79 40.70 12.34
N GLU A 60 39.65 40.42 13.32
CA GLU A 60 40.10 39.06 13.64
C GLU A 60 40.42 38.12 12.49
N ASN A 61 39.93 36.89 12.63
CA ASN A 61 40.18 35.84 11.67
C ASN A 61 39.06 35.81 10.63
N CYS A 62 38.29 36.89 10.55
CA CYS A 62 37.06 36.93 9.76
C CYS A 62 37.32 36.84 8.27
N ASP A 63 38.58 36.97 7.89
CA ASP A 63 38.96 36.92 6.47
C ASP A 63 39.44 35.53 6.03
N LYS A 64 39.37 34.57 6.93
CA LYS A 64 39.77 33.23 6.53
C LYS A 64 38.75 32.54 5.66
N SER A 65 39.17 31.45 5.04
CA SER A 65 38.28 30.58 4.28
C SER A 65 37.47 29.75 5.25
N LEU A 66 36.30 29.29 4.80
CA LEU A 66 35.41 28.48 5.63
C LEU A 66 36.06 27.18 6.10
N HIS A 67 36.79 26.52 5.19
CA HIS A 67 37.38 25.24 5.55
C HIS A 67 38.54 25.43 6.57
N THR A 68 39.26 26.55 6.51
CA THR A 68 40.29 26.84 7.52
C THR A 68 39.66 27.00 8.90
N LEU A 69 38.69 27.90 9.01
CA LEU A 69 37.98 28.14 10.26
C LEU A 69 37.28 26.86 10.74
N PHE A 70 36.53 26.24 9.84
CA PHE A 70 35.74 25.08 10.23
C PHE A 70 36.66 23.88 10.49
N GLY A 71 37.63 23.66 9.60
CA GLY A 71 38.60 22.58 9.79
C GLY A 71 39.37 22.74 11.08
N ASP A 72 39.83 23.96 11.38
CA ASP A 72 40.54 24.22 12.64
C ASP A 72 39.68 23.80 13.83
N LYS A 73 38.39 24.20 13.82
CA LYS A 73 37.44 23.92 14.91
C LYS A 73 37.18 22.42 15.11
N LEU A 74 36.99 21.68 14.02
CA LEU A 74 36.77 20.24 14.11
C LEU A 74 37.91 19.51 14.76
N CYS A 75 39.11 19.98 14.44
CA CYS A 75 40.35 19.31 14.82
C CYS A 75 40.63 19.53 16.29
N THR A 76 39.84 20.38 16.95
CA THR A 76 39.94 20.55 18.40
C THR A 76 39.41 19.32 19.11
N VAL A 77 38.73 18.45 18.36
CA VAL A 77 38.23 17.22 18.94
C VAL A 77 38.62 15.96 18.12
N ALA A 78 39.06 16.17 16.87
CA ALA A 78 39.42 15.05 16.00
C ALA A 78 40.83 14.55 16.23
N THR A 79 41.74 15.48 16.53
CA THR A 79 43.16 15.13 16.71
C THR A 79 43.38 14.05 17.76
N LEU A 80 42.36 13.83 18.59
CA LEU A 80 42.40 12.72 19.53
C LEU A 80 42.33 11.40 18.75
N ARG A 81 43.51 10.92 18.38
CA ARG A 81 43.72 9.73 17.58
C ARG A 81 43.30 8.44 18.28
N GLU A 82 43.42 8.43 19.61
CA GLU A 82 43.29 7.21 20.40
C GLU A 82 41.83 6.77 20.36
N THR A 83 40.98 7.69 19.90
CA THR A 83 39.53 7.49 19.83
C THR A 83 38.90 7.62 18.41
N TYR A 84 39.64 8.20 17.45
CA TYR A 84 39.15 8.36 16.07
C TYR A 84 40.02 7.71 14.98
N GLY A 85 41.24 7.34 15.34
CA GLY A 85 42.11 6.65 14.42
C GLY A 85 42.72 7.52 13.34
N GLU A 86 42.31 7.26 12.10
CA GLU A 86 42.99 7.76 10.90
C GLU A 86 42.61 9.21 10.54
N MET A 87 41.79 9.83 11.39
CA MET A 87 41.23 11.19 11.19
C MET A 87 42.15 12.29 11.72
N ALA A 88 43.09 11.90 12.58
CA ALA A 88 44.08 12.82 13.12
C ALA A 88 45.13 13.09 12.04
N ASP A 89 45.20 12.20 11.06
CA ASP A 89 45.94 12.45 9.84
C ASP A 89 45.54 13.79 9.22
N CYS A 90 44.26 13.92 8.92
CA CYS A 90 43.73 15.09 8.25
C CYS A 90 44.06 16.32 9.08
N CYS A 91 44.06 16.17 10.40
CA CYS A 91 44.24 17.33 11.25
C CYS A 91 45.69 17.79 11.33
N ALA A 92 46.59 16.96 10.81
CA ALA A 92 48.00 17.30 10.71
C ALA A 92 48.29 18.11 9.45
N LYS A 93 47.34 18.12 8.50
CA LYS A 93 47.49 18.84 7.25
C LYS A 93 46.85 20.23 7.34
N GLN A 94 47.18 21.11 6.40
CA GLN A 94 46.52 22.41 6.30
C GLN A 94 45.63 22.45 5.05
N GLU A 95 44.72 23.42 4.97
CA GLU A 95 43.85 23.50 3.81
C GLU A 95 44.72 23.89 2.62
N PRO A 96 44.37 23.41 1.42
CA PRO A 96 43.21 22.53 1.19
C PRO A 96 43.50 21.03 1.26
N GLU A 97 44.69 20.59 1.66
CA GLU A 97 44.94 19.15 1.75
C GLU A 97 44.05 18.53 2.84
N ARG A 98 43.82 19.29 3.91
CA ARG A 98 43.06 18.82 5.06
C ARG A 98 41.65 18.46 4.65
N ASN A 99 40.97 19.37 3.94
CA ASN A 99 39.63 19.10 3.41
C ASN A 99 39.59 17.86 2.50
N GLU A 100 40.62 17.70 1.67
CA GLU A 100 40.67 16.57 0.76
C GLU A 100 40.77 15.26 1.55
N CYS A 101 41.57 15.30 2.61
CA CYS A 101 41.71 14.16 3.52
C CYS A 101 40.36 13.81 4.20
N PHE A 102 39.59 14.83 4.58
CA PHE A 102 38.25 14.59 5.16
C PHE A 102 37.34 13.96 4.09
N LEU A 103 37.41 14.47 2.87
CA LEU A 103 36.56 13.92 1.83
C LEU A 103 36.86 12.44 1.59
N GLN A 104 38.13 12.05 1.72
CA GLN A 104 38.51 10.69 1.41
C GLN A 104 38.05 9.76 2.49
N HIS A 105 37.93 10.28 3.71
CA HIS A 105 37.57 9.44 4.85
C HIS A 105 36.08 9.38 5.20
N LYS A 106 35.19 9.90 4.36
CA LYS A 106 33.75 9.69 4.61
C LYS A 106 33.45 8.20 4.59
N ASP A 107 32.73 7.73 5.58
CA ASP A 107 32.45 6.30 5.72
C ASP A 107 31.02 6.01 5.25
N ASP A 108 30.88 5.25 4.16
CA ASP A 108 29.56 4.87 3.66
C ASP A 108 28.88 3.85 4.54
N ASN A 109 29.61 3.28 5.50
CA ASN A 109 29.04 2.24 6.33
C ASN A 109 29.60 2.21 7.76
N PRO A 110 29.43 3.30 8.49
CA PRO A 110 30.14 3.36 9.79
C PRO A 110 29.55 2.36 10.77
N ASN A 111 30.35 1.92 11.73
CA ASN A 111 29.88 0.92 12.66
C ASN A 111 28.92 1.49 13.73
N LEU A 112 27.85 2.16 13.27
CA LEU A 112 26.85 2.75 14.17
C LEU A 112 25.63 1.85 14.41
N PRO A 113 25.02 1.94 15.61
CA PRO A 113 23.84 1.15 15.98
C PRO A 113 22.62 1.46 15.15
N ARG A 114 21.73 0.49 14.99
CA ARG A 114 20.50 0.70 14.25
C ARG A 114 19.69 1.81 14.93
N LEU A 115 19.09 2.64 14.10
CA LEU A 115 18.20 3.67 14.57
C LEU A 115 16.95 2.92 15.03
N VAL A 116 16.51 3.18 16.26
CA VAL A 116 15.33 2.51 16.82
C VAL A 116 14.18 3.51 16.95
N ARG A 117 12.94 3.05 16.73
CA ARG A 117 11.78 3.91 16.91
C ARG A 117 11.11 3.64 18.26
N PRO A 118 11.26 4.57 19.22
CA PRO A 118 10.60 4.42 20.53
C PRO A 118 9.08 4.47 20.41
N GLU A 119 8.38 4.26 21.52
CA GLU A 119 6.93 4.38 21.52
C GLU A 119 6.50 5.82 21.26
N VAL A 120 5.35 5.99 20.60
CA VAL A 120 4.91 7.32 20.22
C VAL A 120 4.92 8.31 21.40
N ASP A 121 4.39 7.87 22.52
CA ASP A 121 4.46 8.67 23.73
C ASP A 121 5.88 9.03 24.14
N VAL A 122 6.78 8.05 24.14
CA VAL A 122 8.17 8.31 24.51
C VAL A 122 8.75 9.41 23.64
N MET A 123 8.40 9.39 22.35
CA MET A 123 8.93 10.40 21.42
C MET A 123 8.30 11.79 21.59
N CYS A 124 6.98 11.86 21.74
CA CYS A 124 6.35 13.16 21.90
C CYS A 124 6.85 13.85 23.17
N THR A 125 7.10 13.03 24.18
CA THR A 125 7.59 13.53 25.46
C THR A 125 8.98 14.14 25.27
N ALA A 126 9.88 13.35 24.68
CA ALA A 126 11.25 13.78 24.43
C ALA A 126 11.26 15.00 23.51
N PHE A 127 10.30 15.06 22.59
CA PHE A 127 10.11 16.23 21.75
C PHE A 127 9.72 17.45 22.57
N HIS A 128 8.72 17.30 23.44
CA HIS A 128 8.24 18.43 24.23
C HIS A 128 9.23 18.95 25.25
N ASP A 129 9.96 18.02 25.89
CA ASP A 129 11.08 18.37 26.79
C ASP A 129 11.95 19.47 26.19
N ASN A 130 12.55 19.21 25.03
CA ASN A 130 13.41 20.20 24.41
C ASN A 130 13.37 20.06 22.90
N GLU A 131 12.46 20.80 22.30
CA GLU A 131 12.16 20.66 20.88
C GLU A 131 13.40 20.88 20.02
N GLU A 132 14.30 21.77 20.42
CA GLU A 132 15.42 22.09 19.56
C GLU A 132 16.52 21.03 19.65
N THR A 133 16.70 20.48 20.84
CA THR A 133 17.64 19.39 21.00
C THR A 133 17.16 18.18 20.19
N PHE A 134 15.85 17.97 20.21
CA PHE A 134 15.23 16.83 19.54
C PHE A 134 15.46 16.92 18.04
N LEU A 135 15.45 18.12 17.51
CA LEU A 135 15.64 18.32 16.10
C LEU A 135 17.10 18.19 15.68
N LYS A 136 17.98 18.88 16.40
CA LYS A 136 19.40 18.79 16.12
C LYS A 136 19.82 17.32 16.20
N LYS A 137 19.24 16.56 17.15
CA LYS A 137 19.53 15.14 17.25
C LYS A 137 19.15 14.42 15.99
N TYR A 138 18.06 14.86 15.36
CA TYR A 138 17.63 14.27 14.12
C TYR A 138 18.64 14.55 13.03
N LEU A 139 18.99 15.84 12.84
CA LEU A 139 19.98 16.23 11.85
C LEU A 139 21.26 15.45 12.03
N TYR A 140 21.67 15.27 13.28
CA TYR A 140 22.94 14.63 13.60
C TYR A 140 22.94 13.16 13.28
N GLU A 141 21.92 12.45 13.72
CA GLU A 141 21.87 11.00 13.54
C GLU A 141 21.73 10.60 12.07
N ILE A 142 21.02 11.41 11.30
CA ILE A 142 20.87 11.11 9.90
C ILE A 142 22.18 11.41 9.17
N ALA A 143 22.77 12.57 9.44
CA ALA A 143 23.94 13.03 8.67
C ALA A 143 25.16 12.14 8.79
N ARG A 144 25.45 11.72 10.01
CA ARG A 144 26.62 10.91 10.25
C ARG A 144 26.46 9.53 9.64
N ARG A 145 25.22 9.12 9.40
CA ARG A 145 24.92 7.80 8.83
C ARG A 145 24.78 7.93 7.32
N HIS A 146 24.62 9.16 6.84
CA HIS A 146 24.51 9.43 5.41
C HIS A 146 25.40 10.62 5.05
N PRO A 147 26.73 10.40 5.06
CA PRO A 147 27.74 11.46 4.91
C PRO A 147 27.68 12.18 3.56
N TYR A 148 26.90 11.67 2.61
CA TYR A 148 26.77 12.32 1.30
C TYR A 148 25.38 12.89 1.02
N PHE A 149 24.52 12.86 2.03
CA PHE A 149 23.18 13.41 1.85
C PHE A 149 23.23 14.85 1.41
N TYR A 150 22.37 15.21 0.45
CA TYR A 150 22.29 16.54 -0.12
C TYR A 150 21.92 17.49 1.01
N ALA A 151 22.88 18.31 1.44
CA ALA A 151 22.76 19.01 2.70
C ALA A 151 21.56 19.95 2.79
N PRO A 152 21.42 20.88 1.81
CA PRO A 152 20.21 21.72 1.88
C PRO A 152 18.91 20.92 1.81
N GLU A 153 18.93 19.77 1.19
CA GLU A 153 17.69 19.01 1.15
C GLU A 153 17.41 18.39 2.52
N LEU A 154 18.46 18.15 3.31
CA LEU A 154 18.27 17.62 4.66
C LEU A 154 17.53 18.63 5.57
N LEU A 155 17.74 19.92 5.33
CA LEU A 155 17.02 20.96 6.04
C LEU A 155 15.52 20.78 5.88
N PHE A 156 15.10 20.45 4.66
CA PHE A 156 13.70 20.22 4.37
C PHE A 156 13.16 19.03 5.12
N PHE A 157 13.97 17.97 5.22
CA PHE A 157 13.55 16.80 5.98
C PHE A 157 13.34 17.18 7.44
N ALA A 158 14.28 17.94 7.99
CA ALA A 158 14.15 18.40 9.36
C ALA A 158 12.85 19.19 9.51
N LYS A 159 12.55 20.06 8.55
CA LYS A 159 11.36 20.89 8.62
C LYS A 159 10.12 20.04 8.73
N ARG A 160 10.04 19.02 7.87
CA ARG A 160 8.91 18.14 7.88
C ARG A 160 8.86 17.27 9.12
N TYR A 161 10.01 16.82 9.57
CA TYR A 161 10.11 15.99 10.78
C TYR A 161 9.58 16.77 11.97
N LYS A 162 9.93 18.05 12.06
CA LYS A 162 9.43 18.96 13.08
C LYS A 162 7.90 19.11 13.01
N ALA A 163 7.40 19.29 11.79
CA ALA A 163 5.99 19.53 11.60
C ALA A 163 5.22 18.29 12.01
N ALA A 164 5.83 17.12 11.87
CA ALA A 164 5.13 15.89 12.20
C ALA A 164 4.96 15.75 13.70
N PHE A 165 5.98 16.11 14.46
CA PHE A 165 5.86 16.02 15.91
C PHE A 165 4.97 17.16 16.44
N THR A 166 5.16 18.36 15.91
CA THR A 166 4.35 19.50 16.33
C THR A 166 2.85 19.19 16.16
N GLU A 167 2.47 18.68 15.00
CA GLU A 167 1.09 18.32 14.76
C GLU A 167 0.63 17.09 15.55
N CYS A 168 1.27 15.95 15.32
CA CYS A 168 0.74 14.68 15.82
C CYS A 168 0.80 14.45 17.32
N CYS A 169 1.69 15.17 18.01
CA CYS A 169 1.84 14.94 19.44
C CYS A 169 0.69 15.57 20.23
N GLN A 170 -0.28 16.15 19.55
CA GLN A 170 -1.44 16.65 20.28
C GLN A 170 -2.73 16.22 19.63
N ALA A 171 -2.60 15.28 18.69
CA ALA A 171 -3.75 14.64 18.09
C ALA A 171 -4.37 13.78 19.17
N ALA A 172 -5.63 13.37 18.95
CA ALA A 172 -6.29 12.47 19.89
C ALA A 172 -5.58 11.13 19.82
N ASP A 173 -5.39 10.67 18.60
CA ASP A 173 -4.62 9.46 18.36
C ASP A 173 -3.25 9.90 17.86
N LYS A 174 -2.27 9.90 18.75
CA LYS A 174 -0.92 10.30 18.39
C LYS A 174 -0.32 9.33 17.36
N ALA A 175 -0.31 8.03 17.66
CA ALA A 175 0.29 7.05 16.74
C ALA A 175 -0.27 7.09 15.30
N ALA A 176 -1.59 7.12 15.15
CA ALA A 176 -2.20 7.13 13.82
C ALA A 176 -1.81 8.34 12.98
N CYS A 177 -1.54 9.45 13.66
CA CYS A 177 -1.10 10.67 12.97
C CYS A 177 0.41 10.61 12.70
N LEU A 178 1.19 10.19 13.70
CA LEU A 178 2.64 10.33 13.62
C LEU A 178 3.30 9.26 12.74
N LEU A 179 3.04 7.99 13.02
CA LEU A 179 3.75 6.89 12.38
C LEU A 179 3.77 6.87 10.84
N PRO A 180 2.61 7.09 10.19
CA PRO A 180 2.65 7.03 8.72
C PRO A 180 3.47 8.15 8.11
N LYS A 181 3.57 9.26 8.84
CA LYS A 181 4.39 10.38 8.39
C LYS A 181 5.87 10.07 8.47
N LEU A 182 6.31 9.44 9.56
CA LEU A 182 7.71 9.10 9.72
C LEU A 182 8.14 8.04 8.71
N ASP A 183 7.27 7.05 8.53
CA ASP A 183 7.52 6.00 7.55
C ASP A 183 7.77 6.63 6.16
N GLU A 184 6.96 7.62 5.82
CA GLU A 184 7.11 8.30 4.55
C GLU A 184 8.45 9.06 4.48
N LEU A 185 8.89 9.65 5.60
CA LEU A 185 10.17 10.37 5.62
C LEU A 185 11.34 9.42 5.52
N ARG A 186 11.23 8.30 6.22
CA ARG A 186 12.25 7.27 6.24
C ARG A 186 12.51 6.73 4.83
N ASP A 187 11.43 6.48 4.08
CA ASP A 187 11.51 5.95 2.72
C ASP A 187 12.03 6.95 1.68
N GLU A 188 11.52 8.18 1.72
CA GLU A 188 11.96 9.22 0.80
C GLU A 188 13.41 9.60 1.08
N GLY A 189 13.78 9.59 2.36
CA GLY A 189 15.13 9.91 2.77
C GLY A 189 16.12 8.94 2.18
N LYS A 190 15.80 7.65 2.37
CA LYS A 190 16.62 6.56 1.82
C LYS A 190 16.78 6.73 0.30
N ALA A 191 15.70 7.01 -0.43
CA ALA A 191 15.85 7.19 -1.86
C ALA A 191 16.69 8.42 -2.18
N SER A 192 16.46 9.50 -1.46
CA SER A 192 17.20 10.73 -1.69
C SER A 192 18.68 10.55 -1.39
N SER A 193 18.98 9.76 -0.35
CA SER A 193 20.35 9.57 0.03
C SER A 193 21.06 8.85 -1.08
N ALA A 194 20.49 7.77 -1.56
CA ALA A 194 21.10 6.98 -2.64
C ALA A 194 21.28 7.78 -3.94
N LYS A 195 20.23 8.50 -4.35
CA LYS A 195 20.26 9.33 -5.57
C LYS A 195 21.44 10.32 -5.54
N GLN A 196 21.69 10.93 -4.37
CA GLN A 196 22.77 11.90 -4.21
C GLN A 196 24.18 11.25 -4.12
N ARG A 197 24.27 9.98 -3.70
CA ARG A 197 25.56 9.30 -3.69
C ARG A 197 26.02 9.09 -5.13
N LEU A 198 25.07 8.80 -6.01
CA LEU A 198 25.38 8.66 -7.43
C LEU A 198 25.94 10.00 -7.96
N LYS A 199 25.26 11.10 -7.61
CA LYS A 199 25.64 12.44 -8.03
C LYS A 199 27.10 12.69 -7.68
N CYS A 200 27.47 12.41 -6.41
CA CYS A 200 28.83 12.64 -5.93
C CYS A 200 29.83 11.62 -6.48
N ALA A 201 29.38 10.40 -6.73
CA ALA A 201 30.29 9.41 -7.30
C ALA A 201 30.72 9.86 -8.68
N SER A 202 29.74 10.31 -9.45
CA SER A 202 29.97 10.69 -10.82
C SER A 202 30.90 11.89 -10.85
N LEU A 203 30.69 12.83 -9.94
CA LEU A 203 31.58 13.99 -9.89
C LEU A 203 32.98 13.60 -9.49
N GLN A 204 33.10 12.85 -8.42
CA GLN A 204 34.41 12.63 -7.85
C GLN A 204 35.22 11.62 -8.61
N LYS A 205 34.59 10.57 -9.12
CA LYS A 205 35.33 9.49 -9.77
C LYS A 205 35.44 9.67 -11.28
N PHE A 206 34.39 10.18 -11.91
CA PHE A 206 34.39 10.31 -13.35
C PHE A 206 34.52 11.74 -13.87
N GLY A 207 34.43 12.74 -13.00
CA GLY A 207 34.80 14.12 -13.38
C GLY A 207 33.63 15.00 -13.76
N GLU A 208 33.86 16.31 -13.90
CA GLU A 208 32.78 17.27 -14.18
C GLU A 208 31.98 16.95 -15.48
N ARG A 209 32.71 16.58 -16.53
CA ARG A 209 32.11 16.29 -17.86
C ARG A 209 31.01 15.23 -17.77
N ALA A 210 31.20 14.28 -16.87
CA ALA A 210 30.24 13.19 -16.68
C ALA A 210 28.97 13.70 -16.05
N PHE A 211 29.10 14.60 -15.09
CA PHE A 211 27.94 15.12 -14.40
C PHE A 211 27.15 16.03 -15.34
N LYS A 212 27.88 16.85 -16.12
CA LYS A 212 27.25 17.75 -17.09
C LYS A 212 26.44 16.98 -18.14
N ALA A 213 27.02 15.90 -18.64
CA ALA A 213 26.33 15.05 -19.58
C ALA A 213 25.06 14.50 -18.96
N TRP A 214 25.15 14.01 -17.73
CA TRP A 214 23.94 13.57 -17.03
C TRP A 214 22.93 14.71 -16.95
N ALA A 215 23.41 15.93 -16.77
CA ALA A 215 22.52 17.05 -16.46
C ALA A 215 21.73 17.51 -17.67
N VAL A 216 22.45 17.64 -18.79
CA VAL A 216 21.87 17.99 -20.10
C VAL A 216 20.77 16.99 -20.46
N ALA A 217 21.06 15.71 -20.32
CA ALA A 217 20.05 14.72 -20.65
C ALA A 217 18.83 14.82 -19.76
N ARG A 218 19.01 14.99 -18.45
CA ARG A 218 17.84 14.99 -17.56
C ARG A 218 17.05 16.29 -17.61
N LEU A 219 17.73 17.42 -17.73
CA LEU A 219 17.01 18.68 -17.73
C LEU A 219 16.31 18.86 -19.08
N SER A 220 16.89 18.29 -20.14
CA SER A 220 16.27 18.38 -21.46
C SER A 220 15.03 17.50 -21.54
N GLN A 221 15.09 16.30 -20.98
CA GLN A 221 13.87 15.50 -20.90
C GLN A 221 12.85 16.27 -20.09
N ARG A 222 13.31 16.95 -19.03
CA ARG A 222 12.40 17.61 -18.09
C ARG A 222 11.85 18.93 -18.65
N PHE A 223 12.72 19.66 -19.35
CA PHE A 223 12.39 20.97 -19.88
C PHE A 223 12.52 21.03 -21.40
N PRO A 224 11.71 20.23 -22.11
CA PRO A 224 11.88 20.11 -23.56
C PRO A 224 11.40 21.34 -24.34
N LYS A 225 10.73 22.29 -23.69
CA LYS A 225 10.30 23.52 -24.37
C LYS A 225 11.39 24.57 -24.29
N ALA A 226 12.37 24.33 -23.43
CA ALA A 226 13.41 25.32 -23.16
C ALA A 226 14.42 25.34 -24.28
N GLU A 227 14.94 26.53 -24.59
CA GLU A 227 16.00 26.64 -25.59
C GLU A 227 17.23 25.89 -25.12
N PHE A 228 18.10 25.52 -26.06
CA PHE A 228 19.31 24.84 -25.67
C PHE A 228 20.13 25.68 -24.72
N ALA A 229 20.40 26.95 -25.05
CA ALA A 229 21.30 27.75 -24.21
C ALA A 229 20.80 27.90 -22.78
N GLU A 230 19.47 27.86 -22.64
CA GLU A 230 18.81 27.96 -21.35
C GLU A 230 19.17 26.76 -20.51
N VAL A 231 19.00 25.59 -21.10
CA VAL A 231 19.36 24.35 -20.44
C VAL A 231 20.84 24.37 -20.01
N SER A 232 21.73 24.90 -20.84
CA SER A 232 23.14 24.98 -20.50
C SER A 232 23.36 25.88 -19.30
N LYS A 233 22.61 26.97 -19.23
CA LYS A 233 22.74 27.90 -18.12
C LYS A 233 22.33 27.13 -16.90
N LEU A 234 21.26 26.36 -17.04
CA LEU A 234 20.77 25.56 -15.93
C LEU A 234 21.75 24.45 -15.55
N VAL A 235 22.22 23.72 -16.54
CA VAL A 235 23.21 22.68 -16.30
C VAL A 235 24.43 23.24 -15.57
N THR A 236 24.92 24.39 -16.00
CA THR A 236 26.10 24.99 -15.37
C THR A 236 25.86 25.34 -13.92
N ASP A 237 24.73 25.96 -13.64
CA ASP A 237 24.40 26.34 -12.26
C ASP A 237 24.27 25.12 -11.39
N LEU A 238 23.47 24.16 -11.85
CA LEU A 238 23.24 22.90 -11.14
C LEU A 238 24.56 22.12 -10.89
N THR A 239 25.48 22.22 -11.82
CA THR A 239 26.76 21.51 -11.70
C THR A 239 27.61 22.13 -10.61
N LYS A 240 27.69 23.45 -10.58
CA LYS A 240 28.40 24.14 -9.50
C LYS A 240 27.80 23.76 -8.15
N VAL A 241 26.48 23.61 -8.12
CA VAL A 241 25.80 23.36 -6.85
C VAL A 241 26.22 22.01 -6.30
N HIS A 242 26.11 20.96 -7.11
CA HIS A 242 26.46 19.63 -6.62
C HIS A 242 27.97 19.43 -6.43
N THR A 243 28.77 20.14 -7.22
CA THR A 243 30.22 20.14 -7.07
C THR A 243 30.56 20.68 -5.72
N GLU A 244 29.85 21.73 -5.33
CA GLU A 244 30.08 22.30 -4.01
C GLU A 244 29.66 21.34 -2.89
N CYS A 245 28.46 20.77 -3.00
CA CYS A 245 27.99 19.86 -1.94
C CYS A 245 28.84 18.58 -1.79
N CYS A 246 29.30 18.03 -2.91
CA CYS A 246 30.10 16.80 -2.88
C CYS A 246 31.54 17.09 -2.47
N HIS A 247 31.94 18.35 -2.57
CA HIS A 247 33.27 18.74 -2.16
C HIS A 247 33.23 19.20 -0.69
N GLY A 248 32.06 19.22 -0.07
CA GLY A 248 31.96 19.57 1.32
C GLY A 248 31.93 21.08 1.56
N ASP A 249 31.63 21.83 0.52
CA ASP A 249 31.42 23.27 0.63
C ASP A 249 29.93 23.50 0.86
N LEU A 250 29.45 23.07 2.02
CA LEU A 250 28.01 23.03 2.25
C LEU A 250 27.27 24.38 2.32
N LEU A 251 27.94 25.44 2.78
CA LEU A 251 27.26 26.72 2.89
C LEU A 251 27.07 27.31 1.47
N GLU A 252 28.12 27.20 0.67
CA GLU A 252 28.07 27.68 -0.68
C GLU A 252 27.05 26.87 -1.47
N CYS A 253 27.01 25.57 -1.22
CA CYS A 253 26.05 24.71 -1.89
C CYS A 253 24.62 25.22 -1.65
N ALA A 254 24.24 25.38 -0.39
CA ALA A 254 22.88 25.80 -0.05
C ALA A 254 22.55 27.16 -0.67
N ASP A 255 23.47 28.11 -0.53
CA ASP A 255 23.26 29.45 -1.06
C ASP A 255 23.03 29.41 -2.57
N ASP A 256 24.00 28.83 -3.29
CA ASP A 256 23.92 28.73 -4.77
C ASP A 256 22.67 28.02 -5.27
N ARG A 257 22.18 27.07 -4.49
CA ARG A 257 20.96 26.36 -4.85
C ARG A 257 19.73 27.20 -4.62
N ALA A 258 19.76 28.02 -3.58
CA ALA A 258 18.65 28.91 -3.29
C ALA A 258 18.56 29.96 -4.37
N ASP A 259 19.70 30.43 -4.88
CA ASP A 259 19.71 31.36 -6.00
C ASP A 259 19.21 30.64 -7.24
N LEU A 260 19.57 29.37 -7.37
CA LEU A 260 19.15 28.60 -8.55
C LEU A 260 17.63 28.45 -8.58
N ALA A 261 17.02 28.16 -7.44
CA ALA A 261 15.57 28.07 -7.41
C ALA A 261 14.94 29.41 -7.88
N LYS A 262 15.38 30.52 -7.28
CA LYS A 262 15.00 31.88 -7.68
C LYS A 262 15.05 32.12 -9.21
N TYR A 263 16.19 31.82 -9.82
CA TYR A 263 16.36 32.07 -11.26
C TYR A 263 15.31 31.30 -12.06
N ILE A 264 15.04 30.08 -11.61
CA ILE A 264 14.09 29.21 -12.29
C ILE A 264 12.67 29.78 -12.24
N CYS A 265 12.24 30.21 -11.06
CA CYS A 265 10.88 30.71 -10.87
C CYS A 265 10.60 32.06 -11.54
N GLU A 266 11.67 32.83 -11.78
CA GLU A 266 11.58 34.13 -12.43
C GLU A 266 11.72 34.01 -13.91
N ASN A 267 11.87 32.78 -14.40
CA ASN A 267 11.97 32.54 -15.82
C ASN A 267 11.25 31.27 -16.23
N GLN A 268 10.20 30.90 -15.53
CA GLN A 268 9.47 29.69 -15.89
C GLN A 268 9.06 29.69 -17.36
N ASP A 269 8.69 30.86 -17.84
CA ASP A 269 8.11 30.99 -19.18
C ASP A 269 9.13 30.62 -20.28
N SER A 270 10.42 30.60 -19.92
CA SER A 270 11.47 30.17 -20.88
C SER A 270 12.06 28.81 -20.50
N ILE A 271 11.35 28.09 -19.63
CA ILE A 271 11.85 26.87 -19.01
C ILE A 271 10.83 25.73 -19.01
N SER A 272 9.69 25.94 -18.34
CA SER A 272 8.62 24.92 -18.28
C SER A 272 7.28 25.48 -17.77
N SER A 273 6.20 24.77 -18.05
CA SER A 273 4.86 25.17 -17.63
C SER A 273 4.43 24.41 -16.38
N LYS A 274 5.33 23.59 -15.85
CA LYS A 274 5.01 22.74 -14.70
C LYS A 274 5.41 23.34 -13.36
N LEU A 275 6.02 24.52 -13.42
CA LEU A 275 6.74 25.08 -12.29
C LEU A 275 5.89 26.06 -11.46
N LYS A 276 4.68 26.34 -11.94
CA LYS A 276 3.77 27.30 -11.32
C LYS A 276 3.48 27.05 -9.85
N GLU A 277 3.13 25.82 -9.53
CA GLU A 277 2.69 25.51 -8.18
C GLU A 277 3.89 25.42 -7.25
N CYS A 278 4.98 24.82 -7.74
CA CYS A 278 6.26 24.76 -7.01
C CYS A 278 6.75 26.15 -6.65
N CYS A 279 6.72 27.07 -7.59
CA CYS A 279 7.32 28.38 -7.32
C CYS A 279 6.51 29.27 -6.35
N GLU A 280 5.43 28.73 -5.79
CA GLU A 280 4.62 29.42 -4.78
C GLU A 280 4.99 28.94 -3.37
N LYS A 281 5.68 27.79 -3.27
CA LYS A 281 5.97 27.18 -1.97
C LYS A 281 7.03 28.00 -1.24
N PRO A 282 7.15 27.83 0.08
CA PRO A 282 8.27 28.46 0.81
C PRO A 282 9.64 27.96 0.33
N LEU A 283 10.68 28.69 0.72
CA LEU A 283 12.07 28.43 0.30
C LEU A 283 12.51 26.96 0.23
N LEU A 284 12.54 26.26 1.37
CA LEU A 284 12.91 24.85 1.35
C LEU A 284 11.97 24.04 0.47
N GLU A 285 10.65 24.19 0.63
CA GLU A 285 9.75 23.36 -0.16
C GLU A 285 9.84 23.67 -1.63
N LYS A 286 10.01 24.95 -1.97
CA LYS A 286 10.13 25.36 -3.36
C LYS A 286 11.24 24.58 -4.05
N SER A 287 12.41 24.48 -3.41
CA SER A 287 13.57 23.82 -4.03
C SER A 287 13.43 22.31 -4.10
N HIS A 288 12.79 21.72 -3.10
CA HIS A 288 12.46 20.30 -3.16
C HIS A 288 11.56 20.04 -4.36
N CYS A 289 10.65 20.96 -4.59
CA CYS A 289 9.67 20.80 -5.65
C CYS A 289 10.29 20.83 -7.04
N ILE A 290 11.00 21.91 -7.35
CA ILE A 290 11.64 22.11 -8.66
C ILE A 290 12.54 20.95 -9.09
N ALA A 291 13.24 20.39 -8.11
CA ALA A 291 14.24 19.37 -8.43
C ALA A 291 13.59 18.06 -8.85
N GLU A 292 12.33 17.88 -8.50
CA GLU A 292 11.63 16.63 -8.83
C GLU A 292 10.38 16.84 -9.70
N VAL A 293 10.31 17.98 -10.39
CA VAL A 293 9.08 18.26 -11.10
C VAL A 293 8.87 17.31 -12.28
N GLU A 294 7.61 16.98 -12.55
CA GLU A 294 7.30 16.17 -13.71
C GLU A 294 7.71 16.88 -14.99
N ASN A 295 8.03 16.07 -16.00
CA ASN A 295 8.47 16.54 -17.30
C ASN A 295 7.40 17.43 -17.95
N ASP A 296 7.85 18.45 -18.67
CA ASP A 296 6.92 19.25 -19.45
C ASP A 296 6.54 18.49 -20.72
N GLU A 297 5.41 18.84 -21.32
CA GLU A 297 5.07 18.26 -22.61
C GLU A 297 6.10 18.82 -23.55
N MET A 298 6.50 18.00 -24.51
CA MET A 298 7.43 18.43 -25.54
C MET A 298 6.62 19.13 -26.64
N PRO A 299 7.24 20.07 -27.37
CA PRO A 299 6.59 20.74 -28.51
C PRO A 299 5.91 19.75 -29.46
N ALA A 300 4.92 20.19 -30.22
CA ALA A 300 4.03 19.26 -30.92
C ALA A 300 4.67 18.56 -32.13
N ASP A 301 5.43 19.32 -32.92
CA ASP A 301 6.00 18.80 -34.17
C ASP A 301 7.43 18.22 -34.06
N LEU A 302 8.41 19.11 -33.97
CA LEU A 302 9.84 18.75 -33.93
C LEU A 302 10.36 17.97 -35.14
N PRO A 303 11.40 18.51 -35.81
CA PRO A 303 12.04 18.01 -37.04
C PRO A 303 12.30 16.49 -37.14
N SER A 304 13.56 16.10 -37.24
CA SER A 304 13.85 14.68 -37.44
C SER A 304 15.29 14.32 -37.07
N LEU A 305 16.01 15.31 -36.57
CA LEU A 305 17.37 15.11 -36.06
C LEU A 305 18.39 14.74 -37.14
N ALA A 306 18.03 13.76 -37.98
CA ALA A 306 18.88 13.28 -39.07
C ALA A 306 19.42 14.40 -39.99
N ALA A 307 18.75 15.54 -39.98
CA ALA A 307 19.07 16.62 -40.90
C ALA A 307 20.27 17.45 -40.44
N ASP A 308 20.32 17.74 -39.15
CA ASP A 308 21.35 18.60 -38.60
C ASP A 308 22.58 17.81 -38.12
N PHE A 309 22.43 16.49 -38.04
CA PHE A 309 23.43 15.64 -37.39
C PHE A 309 23.93 14.49 -38.24
N VAL A 310 23.29 14.25 -39.38
CA VAL A 310 23.73 13.19 -40.27
C VAL A 310 23.85 13.68 -41.70
N GLU A 311 22.76 14.23 -42.22
CA GLU A 311 22.73 14.60 -43.62
C GLU A 311 23.35 15.98 -43.91
N SER A 312 23.51 16.82 -42.90
CA SER A 312 24.20 18.10 -43.09
C SER A 312 25.63 17.89 -43.61
N LYS A 313 26.16 18.86 -44.34
CA LYS A 313 27.52 18.74 -44.87
C LYS A 313 28.48 19.60 -44.06
N ASP A 314 28.07 19.92 -42.84
CA ASP A 314 28.89 20.71 -41.95
C ASP A 314 29.09 20.02 -40.61
N VAL A 315 28.53 18.82 -40.48
CA VAL A 315 28.62 18.05 -39.23
C VAL A 315 30.06 17.87 -38.73
N CYS A 316 30.98 17.54 -39.62
CA CYS A 316 32.39 17.46 -39.23
C CYS A 316 32.95 18.81 -38.87
N LYS A 317 32.42 19.86 -39.50
CA LYS A 317 32.89 21.22 -39.25
C LYS A 317 32.38 21.73 -37.92
N ASN A 318 31.15 21.36 -37.57
CA ASN A 318 30.55 21.77 -36.30
C ASN A 318 31.23 21.02 -35.13
N TYR A 319 31.52 19.75 -35.37
CA TYR A 319 32.25 18.90 -34.44
C TYR A 319 33.63 19.50 -34.17
N ALA A 320 34.33 19.86 -35.24
CA ALA A 320 35.68 20.40 -35.13
C ALA A 320 35.72 21.81 -34.52
N GLU A 321 34.66 22.59 -34.67
CA GLU A 321 34.62 23.95 -34.13
C GLU A 321 34.56 23.91 -32.62
N ALA A 322 33.74 23.01 -32.11
CA ALA A 322 33.54 22.84 -30.68
C ALA A 322 32.80 21.54 -30.47
N LYS A 323 33.54 20.48 -30.18
CA LYS A 323 32.96 19.15 -30.01
C LYS A 323 31.88 19.23 -28.95
N ASP A 324 32.26 19.89 -27.86
CA ASP A 324 31.46 19.94 -26.65
C ASP A 324 30.06 20.52 -26.87
N VAL A 325 29.96 21.64 -27.58
CA VAL A 325 28.67 22.27 -27.78
C VAL A 325 27.83 21.53 -28.81
N PHE A 326 28.49 20.93 -29.80
CA PHE A 326 27.82 20.16 -30.83
C PHE A 326 27.29 18.82 -30.30
N LEU A 327 28.13 18.12 -29.54
CA LEU A 327 27.71 16.88 -28.92
C LEU A 327 26.67 17.17 -27.87
N GLY A 328 26.76 18.35 -27.26
CA GLY A 328 25.77 18.80 -26.30
C GLY A 328 24.41 19.00 -26.93
N MET A 329 24.41 19.68 -28.08
CA MET A 329 23.19 19.89 -28.83
C MET A 329 22.59 18.56 -29.21
N PHE A 330 23.44 17.61 -29.63
CA PHE A 330 22.92 16.29 -29.97
C PHE A 330 22.20 15.68 -28.78
N LEU A 331 22.85 15.74 -27.62
CA LEU A 331 22.29 15.14 -26.41
C LEU A 331 21.06 15.93 -26.03
N TYR A 332 21.17 17.25 -26.07
CA TYR A 332 20.01 18.09 -25.88
C TYR A 332 18.85 17.68 -26.79
N GLU A 333 19.09 17.68 -28.09
CA GLU A 333 18.04 17.37 -29.07
C GLU A 333 17.47 15.95 -28.97
N TYR A 334 18.31 14.97 -28.68
CA TYR A 334 17.83 13.60 -28.62
C TYR A 334 17.06 13.39 -27.31
N ALA A 335 17.52 14.03 -26.24
CA ALA A 335 16.86 13.82 -24.95
C ALA A 335 15.47 14.46 -24.88
N ARG A 336 15.35 15.73 -25.27
CA ARG A 336 14.03 16.41 -25.31
C ARG A 336 12.98 15.56 -25.95
N ARG A 337 13.36 14.85 -27.02
CA ARG A 337 12.42 14.03 -27.79
C ARG A 337 12.14 12.67 -27.15
N HIS A 338 12.92 12.31 -26.12
CA HIS A 338 12.76 10.98 -25.52
C HIS A 338 12.67 10.91 -24.00
N PRO A 339 11.50 11.25 -23.46
CA PRO A 339 11.23 11.03 -22.04
C PRO A 339 11.06 9.55 -21.72
N ASP A 340 10.96 8.72 -22.75
CA ASP A 340 10.78 7.28 -22.52
C ASP A 340 12.12 6.52 -22.46
N TYR A 341 13.22 7.18 -22.81
CA TYR A 341 14.56 6.61 -22.71
C TYR A 341 15.19 6.94 -21.37
N SER A 342 15.86 5.97 -20.75
CA SER A 342 16.57 6.20 -19.51
C SER A 342 17.70 7.17 -19.77
N VAL A 343 18.13 7.87 -18.74
CA VAL A 343 19.22 8.83 -18.89
C VAL A 343 20.51 8.12 -19.36
N VAL A 344 20.73 6.89 -18.90
CA VAL A 344 21.95 6.18 -19.25
C VAL A 344 22.00 5.72 -20.73
N LEU A 345 20.87 5.24 -21.22
CA LEU A 345 20.73 4.88 -22.63
C LEU A 345 21.04 6.08 -23.50
N LEU A 346 20.46 7.22 -23.14
CA LEU A 346 20.65 8.47 -23.88
C LEU A 346 22.12 8.87 -23.95
N LEU A 347 22.86 8.51 -22.92
CA LEU A 347 24.28 8.83 -22.85
C LEU A 347 25.14 7.80 -23.62
N ARG A 348 24.71 6.55 -23.64
CA ARG A 348 25.35 5.53 -24.49
C ARG A 348 25.22 6.00 -25.92
N LEU A 349 24.02 6.51 -26.25
CA LEU A 349 23.74 6.95 -27.60
C LEU A 349 24.68 8.08 -27.97
N ALA A 350 24.88 9.02 -27.06
CA ALA A 350 25.71 10.17 -27.41
C ALA A 350 27.17 9.76 -27.48
N LYS A 351 27.50 8.63 -26.84
CA LYS A 351 28.89 8.19 -26.86
C LYS A 351 29.15 7.45 -28.16
N THR A 352 28.14 6.69 -28.59
CA THR A 352 28.18 5.99 -29.86
C THR A 352 28.29 7.00 -30.99
N TYR A 353 27.45 8.03 -30.93
CA TYR A 353 27.47 9.09 -31.92
C TYR A 353 28.80 9.82 -31.94
N GLU A 354 29.31 10.17 -30.76
CA GLU A 354 30.61 10.81 -30.65
C GLU A 354 31.71 9.94 -31.23
N THR A 355 31.70 8.65 -30.89
CA THR A 355 32.78 7.76 -31.33
C THR A 355 32.77 7.61 -32.86
N THR A 356 31.57 7.43 -33.41
CA THR A 356 31.34 7.35 -34.85
C THR A 356 31.89 8.57 -35.61
N LEU A 357 31.68 9.77 -35.09
CA LEU A 357 32.19 10.96 -35.76
C LEU A 357 33.70 10.98 -35.70
N GLU A 358 34.26 10.59 -34.57
CA GLU A 358 35.72 10.61 -34.41
C GLU A 358 36.37 9.68 -35.44
N LYS A 359 35.62 8.64 -35.83
CA LYS A 359 36.04 7.66 -36.83
C LYS A 359 35.87 8.25 -38.22
N CYS A 360 34.63 8.62 -38.55
CA CYS A 360 34.26 9.03 -39.90
C CYS A 360 34.85 10.33 -40.39
N CYS A 361 35.04 11.30 -39.49
CA CYS A 361 35.66 12.57 -39.85
C CYS A 361 37.13 12.40 -40.24
N ALA A 362 37.62 11.17 -40.25
CA ALA A 362 39.00 10.91 -40.67
C ALA A 362 39.24 11.33 -42.12
N ALA A 363 38.69 10.55 -43.05
CA ALA A 363 38.79 10.83 -44.48
C ALA A 363 37.81 9.92 -45.21
N ALA A 364 38.07 9.68 -46.49
CA ALA A 364 37.28 8.74 -47.29
C ALA A 364 35.80 9.10 -47.35
N ASP A 365 35.52 10.38 -47.58
CA ASP A 365 34.16 10.91 -47.62
C ASP A 365 33.36 10.53 -46.35
N PRO A 366 33.54 11.33 -45.28
CA PRO A 366 32.93 11.13 -43.97
C PRO A 366 31.43 11.00 -44.08
N HIS A 367 30.85 11.82 -44.97
CA HIS A 367 29.41 11.87 -45.15
C HIS A 367 28.82 10.51 -45.50
N GLU A 368 29.59 9.69 -46.22
CA GLU A 368 29.13 8.37 -46.58
C GLU A 368 29.26 7.43 -45.37
N CYS A 369 30.27 7.68 -44.53
CA CYS A 369 30.59 6.77 -43.43
C CYS A 369 29.66 6.89 -42.22
N TYR A 370 29.17 8.09 -41.95
CA TYR A 370 28.29 8.30 -40.80
C TYR A 370 26.81 8.15 -41.11
N ALA A 371 26.52 7.67 -42.31
CA ALA A 371 25.17 7.62 -42.82
C ALA A 371 24.22 6.77 -41.97
N LYS A 372 24.76 5.72 -41.35
CA LYS A 372 23.91 4.82 -40.57
C LYS A 372 24.15 4.82 -39.06
N VAL A 373 24.51 5.97 -38.48
CA VAL A 373 24.74 6.03 -37.04
C VAL A 373 23.49 5.57 -36.32
N PHE A 374 22.35 6.06 -36.77
CA PHE A 374 21.09 5.76 -36.08
C PHE A 374 20.71 4.29 -36.20
N ASP A 375 21.38 3.55 -37.07
CA ASP A 375 21.08 2.13 -37.15
C ASP A 375 21.86 1.41 -36.04
N GLU A 376 22.87 2.10 -35.50
CA GLU A 376 23.67 1.56 -34.40
C GLU A 376 22.98 1.73 -33.04
N PHE A 377 22.05 2.70 -32.94
CA PHE A 377 21.34 3.00 -31.70
C PHE A 377 20.30 1.90 -31.45
N LYS A 378 19.87 1.25 -32.52
CA LYS A 378 18.81 0.24 -32.41
C LYS A 378 19.11 -0.82 -31.38
N PRO A 379 20.28 -1.46 -31.48
CA PRO A 379 20.39 -2.55 -30.52
C PRO A 379 20.63 -2.01 -29.12
N LEU A 380 21.12 -0.79 -28.99
CA LEU A 380 21.36 -0.19 -27.67
C LEU A 380 20.06 0.15 -26.96
N VAL A 381 19.00 0.38 -27.75
CA VAL A 381 17.70 0.74 -27.23
C VAL A 381 16.93 -0.53 -26.86
N GLU A 382 17.13 -1.57 -27.67
CA GLU A 382 16.38 -2.81 -27.54
C GLU A 382 16.75 -3.53 -26.27
N GLU A 383 18.05 -3.55 -25.99
CA GLU A 383 18.56 -4.32 -24.87
C GLU A 383 17.88 -3.97 -23.53
N PRO A 384 17.90 -2.67 -23.13
CA PRO A 384 17.26 -2.32 -21.85
C PRO A 384 15.77 -2.58 -21.90
N GLN A 385 15.17 -2.35 -23.07
CA GLN A 385 13.74 -2.55 -23.26
C GLN A 385 13.36 -3.98 -22.94
N ASN A 386 14.09 -4.94 -23.50
CA ASN A 386 13.68 -6.32 -23.28
C ASN A 386 13.95 -6.74 -21.83
N LEU A 387 14.96 -6.16 -21.23
CA LEU A 387 15.34 -6.51 -19.86
C LEU A 387 14.27 -6.12 -18.86
N ILE A 388 13.76 -4.90 -19.00
CA ILE A 388 12.80 -4.39 -18.04
C ILE A 388 11.48 -5.14 -18.23
N LYS A 389 11.06 -5.29 -19.48
CA LYS A 389 9.87 -6.02 -19.85
C LYS A 389 9.95 -7.46 -19.30
N GLN A 390 11.03 -8.15 -19.67
CA GLN A 390 11.27 -9.53 -19.23
C GLN A 390 11.36 -9.62 -17.70
N ASN A 391 11.79 -8.54 -17.06
CA ASN A 391 11.87 -8.51 -15.60
C ASN A 391 10.56 -8.25 -14.86
N CYS A 392 9.75 -7.32 -15.39
CA CYS A 392 8.47 -6.99 -14.77
C CYS A 392 7.54 -8.18 -14.82
N GLU A 393 7.60 -8.91 -15.93
CA GLU A 393 6.82 -10.14 -16.07
C GLU A 393 7.17 -11.12 -14.95
N LEU A 394 8.46 -11.31 -14.73
CA LEU A 394 8.95 -12.20 -13.70
C LEU A 394 8.52 -11.70 -12.31
N PHE A 395 8.51 -10.39 -12.14
CA PHE A 395 8.16 -9.80 -10.85
C PHE A 395 6.68 -10.02 -10.56
N GLU A 396 5.85 -9.62 -11.52
CA GLU A 396 4.40 -9.69 -11.36
C GLU A 396 3.93 -11.12 -11.08
N GLN A 397 4.69 -12.11 -11.52
CA GLN A 397 4.32 -13.50 -11.28
C GLN A 397 5.10 -14.15 -10.14
N LEU A 398 5.77 -13.33 -9.33
CA LEU A 398 6.49 -13.78 -8.14
C LEU A 398 6.25 -12.94 -6.88
N GLY A 399 5.99 -11.65 -7.07
CA GLY A 399 5.80 -10.75 -5.95
C GLY A 399 7.12 -10.37 -5.30
N GLU A 400 7.26 -9.09 -4.95
CA GLU A 400 8.53 -8.52 -4.45
C GLU A 400 9.51 -9.46 -3.73
N TYR A 401 9.00 -10.20 -2.75
CA TYR A 401 9.86 -11.01 -1.90
C TYR A 401 10.53 -12.17 -2.64
N LYS A 402 9.77 -12.90 -3.45
CA LYS A 402 10.36 -13.99 -4.21
C LYS A 402 11.17 -13.39 -5.36
N PHE A 403 10.76 -12.23 -5.82
CA PHE A 403 11.53 -11.53 -6.83
C PHE A 403 12.87 -11.14 -6.23
N GLN A 404 12.84 -10.62 -5.00
CA GLN A 404 14.06 -10.24 -4.27
C GLN A 404 14.97 -11.44 -4.03
N ASN A 405 14.35 -12.56 -3.68
CA ASN A 405 15.09 -13.79 -3.43
C ASN A 405 15.82 -14.27 -4.68
N ALA A 406 15.19 -14.13 -5.84
CA ALA A 406 15.75 -14.58 -7.10
C ALA A 406 16.92 -13.73 -7.49
N LEU A 407 16.79 -12.41 -7.29
CA LEU A 407 17.90 -11.52 -7.57
C LEU A 407 19.01 -11.85 -6.60
N LEU A 408 18.64 -12.18 -5.37
CA LEU A 408 19.63 -12.53 -4.36
C LEU A 408 20.52 -13.70 -4.79
N VAL A 409 19.93 -14.72 -5.41
CA VAL A 409 20.68 -15.88 -5.91
C VAL A 409 21.51 -15.57 -7.16
N ARG A 410 20.83 -15.02 -8.16
CA ARG A 410 21.47 -14.69 -9.44
C ARG A 410 22.72 -13.84 -9.22
N TYR A 411 22.63 -12.90 -8.27
CA TYR A 411 23.71 -11.95 -7.96
C TYR A 411 24.78 -12.51 -7.03
N THR A 412 24.40 -13.40 -6.13
CA THR A 412 25.38 -14.09 -5.31
C THR A 412 26.25 -14.90 -6.26
N LYS A 413 25.63 -15.43 -7.32
CA LYS A 413 26.35 -16.21 -8.30
C LYS A 413 27.25 -15.36 -9.19
N LYS A 414 26.80 -14.15 -9.51
CA LYS A 414 27.58 -13.22 -10.32
C LYS A 414 28.86 -12.85 -9.58
N VAL A 415 28.73 -12.43 -8.33
CA VAL A 415 29.87 -11.93 -7.59
C VAL A 415 29.96 -12.42 -6.15
N PRO A 416 30.12 -13.73 -5.98
CA PRO A 416 30.10 -14.40 -4.66
C PRO A 416 31.17 -13.91 -3.67
N GLN A 417 32.20 -13.24 -4.15
CA GLN A 417 33.24 -12.78 -3.26
C GLN A 417 32.69 -11.67 -2.36
N VAL A 418 31.64 -11.00 -2.81
CA VAL A 418 31.11 -9.84 -2.13
C VAL A 418 30.48 -10.19 -0.78
N SER A 419 30.75 -9.38 0.23
CA SER A 419 30.26 -9.65 1.58
C SER A 419 28.74 -9.85 1.61
N THR A 420 28.28 -10.78 2.44
CA THR A 420 26.84 -11.11 2.51
C THR A 420 25.94 -9.95 2.91
N PRO A 421 26.33 -9.17 3.95
CA PRO A 421 25.45 -8.06 4.31
C PRO A 421 25.22 -7.11 3.13
N THR A 422 26.20 -7.02 2.25
CA THR A 422 26.14 -6.15 1.07
C THR A 422 25.27 -6.77 -0.04
N LEU A 423 25.44 -8.07 -0.27
CA LEU A 423 24.62 -8.77 -1.24
C LEU A 423 23.14 -8.68 -0.85
N VAL A 424 22.85 -8.80 0.45
CA VAL A 424 21.47 -8.74 0.92
C VAL A 424 20.88 -7.36 0.71
N GLU A 425 21.60 -6.32 1.12
CA GLU A 425 21.03 -4.99 1.02
C GLU A 425 20.79 -4.59 -0.45
N VAL A 426 21.81 -4.80 -1.29
CA VAL A 426 21.72 -4.44 -2.70
C VAL A 426 20.62 -5.21 -3.43
N SER A 427 20.50 -6.50 -3.11
CA SER A 427 19.53 -7.36 -3.78
C SER A 427 18.11 -6.94 -3.46
N ARG A 428 17.81 -6.80 -2.16
CA ARG A 428 16.51 -6.36 -1.70
C ARG A 428 16.15 -5.05 -2.39
N ASN A 429 17.14 -4.17 -2.46
CA ASN A 429 16.98 -2.87 -3.08
C ASN A 429 16.83 -2.95 -4.59
N LEU A 430 17.58 -3.83 -5.23
CA LEU A 430 17.39 -4.08 -6.67
C LEU A 430 15.96 -4.59 -6.90
N GLY A 431 15.54 -5.52 -6.06
CA GLY A 431 14.21 -6.13 -6.16
C GLY A 431 13.08 -5.12 -6.04
N LYS A 432 13.33 -4.05 -5.31
CA LYS A 432 12.33 -3.01 -5.12
C LYS A 432 11.92 -2.35 -6.42
N VAL A 433 12.64 -2.61 -7.50
CA VAL A 433 12.34 -1.99 -8.78
C VAL A 433 11.00 -2.50 -9.35
N GLY A 434 10.59 -3.69 -8.91
CA GLY A 434 9.36 -4.28 -9.38
C GLY A 434 8.17 -3.42 -8.99
N SER A 435 7.99 -3.21 -7.68
CA SER A 435 6.88 -2.41 -7.17
C SER A 435 6.94 -0.98 -7.68
N LYS A 436 8.14 -0.51 -7.96
CA LYS A 436 8.35 0.90 -8.19
C LYS A 436 8.06 1.27 -9.65
N CYS A 437 8.13 0.28 -10.54
CA CYS A 437 8.13 0.55 -11.97
C CYS A 437 7.17 -0.30 -12.80
N CYS A 438 6.99 -1.55 -12.43
CA CYS A 438 6.22 -2.47 -13.26
C CYS A 438 4.75 -2.11 -13.40
N LYS A 439 4.24 -1.27 -12.49
CA LYS A 439 2.90 -0.71 -12.59
C LYS A 439 2.76 0.20 -13.82
N HIS A 440 3.88 0.75 -14.26
CA HIS A 440 3.89 1.78 -15.29
C HIS A 440 3.61 1.28 -16.70
N PRO A 441 3.24 2.21 -17.60
CA PRO A 441 3.27 2.01 -19.05
C PRO A 441 4.68 1.86 -19.57
N GLU A 442 4.78 1.29 -20.76
CA GLU A 442 6.05 1.04 -21.43
C GLU A 442 6.80 2.34 -21.62
N ALA A 443 6.05 3.38 -21.94
CA ALA A 443 6.65 4.65 -22.28
C ALA A 443 7.03 5.42 -21.02
N LYS A 444 7.16 4.71 -19.90
CA LYS A 444 7.52 5.32 -18.62
C LYS A 444 8.34 4.31 -17.83
N ARG A 445 8.41 3.09 -18.31
CA ARG A 445 9.02 2.00 -17.57
C ARG A 445 10.55 2.07 -17.56
N MET A 446 11.14 2.58 -18.64
CA MET A 446 12.60 2.56 -18.75
C MET A 446 13.35 3.56 -17.84
N PRO A 447 12.97 4.85 -17.90
CA PRO A 447 13.72 5.77 -17.02
C PRO A 447 13.47 5.43 -15.57
N CYS A 448 12.27 4.95 -15.26
CA CYS A 448 11.95 4.58 -13.90
C CYS A 448 12.85 3.44 -13.46
N ALA A 449 13.15 2.53 -14.37
CA ALA A 449 13.82 1.29 -14.01
C ALA A 449 15.33 1.39 -14.06
N GLU A 450 15.86 1.75 -15.22
CA GLU A 450 17.28 1.74 -15.43
C GLU A 450 18.04 2.73 -14.56
N ASP A 451 17.59 3.99 -14.51
CA ASP A 451 18.21 4.98 -13.64
C ASP A 451 18.14 4.55 -12.17
N TYR A 452 17.07 3.85 -11.79
CA TYR A 452 16.97 3.38 -10.42
C TYR A 452 17.95 2.26 -10.17
N LEU A 453 18.07 1.37 -11.15
CA LEU A 453 19.05 0.31 -11.05
C LEU A 453 20.45 0.89 -10.98
N SER A 454 20.69 1.95 -11.74
CA SER A 454 22.01 2.56 -11.76
C SER A 454 22.37 3.15 -10.40
N VAL A 455 21.36 3.69 -9.71
CA VAL A 455 21.53 4.21 -8.36
C VAL A 455 21.85 3.09 -7.37
N VAL A 456 21.13 1.97 -7.48
CA VAL A 456 21.38 0.85 -6.58
C VAL A 456 22.77 0.22 -6.82
N LEU A 457 23.16 0.09 -8.08
CA LEU A 457 24.45 -0.51 -8.39
C LEU A 457 25.59 0.41 -7.98
N ASN A 458 25.34 1.72 -7.97
CA ASN A 458 26.38 2.60 -7.45
C ASN A 458 26.63 2.38 -5.95
N GLN A 459 25.59 1.93 -5.26
CA GLN A 459 25.71 1.60 -3.84
C GLN A 459 26.56 0.37 -3.69
N LEU A 460 26.31 -0.61 -4.55
CA LEU A 460 27.19 -1.76 -4.65
C LEU A 460 28.64 -1.30 -4.81
N CYS A 461 28.91 -0.49 -5.82
CA CYS A 461 30.27 -0.08 -6.10
C CYS A 461 30.92 0.58 -4.89
N VAL A 462 30.23 1.52 -4.24
CA VAL A 462 30.86 2.27 -3.16
C VAL A 462 30.97 1.50 -1.84
N LEU A 463 30.05 0.56 -1.60
CA LEU A 463 30.17 -0.27 -0.42
C LEU A 463 31.28 -1.27 -0.64
N HIS A 464 31.62 -1.52 -1.90
CA HIS A 464 32.63 -2.53 -2.23
C HIS A 464 34.04 -1.93 -2.27
N GLU A 465 34.16 -0.67 -2.71
CA GLU A 465 35.48 -0.04 -2.91
C GLU A 465 36.21 0.18 -1.60
N LYS A 466 35.43 0.27 -0.52
CA LYS A 466 35.98 0.55 0.80
C LYS A 466 36.93 -0.58 1.14
N THR A 467 36.55 -1.79 0.73
CA THR A 467 37.34 -3.00 0.96
C THR A 467 37.21 -4.05 -0.19
N PRO A 468 37.98 -3.89 -1.28
CA PRO A 468 37.73 -4.66 -2.52
C PRO A 468 37.96 -6.17 -2.41
N VAL A 469 37.15 -6.96 -3.11
CA VAL A 469 37.16 -8.41 -2.94
C VAL A 469 36.65 -9.18 -4.18
N SER A 470 36.10 -8.45 -5.14
CA SER A 470 35.67 -9.06 -6.40
C SER A 470 36.19 -8.26 -7.59
N ASP A 471 37.04 -8.88 -8.39
CA ASP A 471 37.58 -8.25 -9.57
C ASP A 471 36.49 -7.71 -10.49
N ARG A 472 35.44 -8.50 -10.62
CA ARG A 472 34.36 -8.19 -11.54
C ARG A 472 33.64 -6.93 -11.09
N VAL A 473 33.39 -6.81 -9.78
CA VAL A 473 32.74 -5.64 -9.23
C VAL A 473 33.60 -4.43 -9.50
N THR A 474 34.88 -4.54 -9.21
CA THR A 474 35.80 -3.43 -9.45
C THR A 474 35.84 -3.05 -10.94
N LYS A 475 35.70 -4.02 -11.83
CA LYS A 475 35.79 -3.73 -13.25
C LYS A 475 34.56 -2.96 -13.74
N CYS A 476 33.37 -3.47 -13.43
CA CYS A 476 32.15 -2.77 -13.79
C CYS A 476 32.09 -1.37 -13.15
N CYS A 477 32.66 -1.21 -11.95
CA CYS A 477 32.52 0.04 -11.21
C CYS A 477 33.47 1.13 -11.68
N THR A 478 34.47 0.70 -12.42
CA THR A 478 35.60 1.54 -12.76
C THR A 478 35.60 1.89 -14.24
N GLU A 479 35.02 1.01 -15.05
CA GLU A 479 35.18 0.99 -16.51
C GLU A 479 34.42 2.04 -17.32
N SER A 480 33.25 2.44 -16.86
CA SER A 480 32.38 3.36 -17.60
C SER A 480 31.11 3.47 -16.84
N LEU A 481 30.83 4.68 -16.38
CA LEU A 481 29.74 4.93 -15.43
C LEU A 481 28.42 4.60 -16.07
N VAL A 482 28.31 5.01 -17.33
CA VAL A 482 27.08 4.89 -18.08
C VAL A 482 26.70 3.45 -18.40
N ASN A 483 27.73 2.59 -18.52
CA ASN A 483 27.55 1.17 -18.89
C ASN A 483 27.48 0.16 -17.76
N ARG A 484 27.35 0.64 -16.51
CA ARG A 484 27.35 -0.24 -15.35
C ARG A 484 26.24 -1.29 -15.35
N ARG A 485 25.01 -0.85 -15.57
CA ARG A 485 23.90 -1.79 -15.59
C ARG A 485 24.11 -2.89 -16.67
N PRO A 486 24.45 -2.51 -17.93
CA PRO A 486 24.78 -3.55 -18.91
C PRO A 486 25.90 -4.46 -18.41
N CYS A 487 26.96 -3.88 -17.86
CA CYS A 487 28.13 -4.67 -17.45
C CYS A 487 27.78 -5.64 -16.33
N PHE A 488 26.81 -5.31 -15.50
CA PHE A 488 26.36 -6.24 -14.46
C PHE A 488 25.37 -7.28 -15.02
N SER A 489 24.46 -6.84 -15.91
CA SER A 489 23.48 -7.76 -16.51
C SER A 489 24.18 -8.85 -17.31
N ALA A 490 25.28 -8.50 -17.97
CA ALA A 490 26.03 -9.46 -18.80
C ALA A 490 26.86 -10.48 -18.01
N LEU A 491 27.08 -10.23 -16.71
CA LEU A 491 27.82 -11.17 -15.89
C LEU A 491 27.06 -12.48 -15.70
N GLU A 492 27.78 -13.58 -15.89
CA GLU A 492 27.22 -14.89 -15.68
C GLU A 492 27.77 -15.42 -14.38
N VAL A 493 27.43 -16.66 -14.07
CA VAL A 493 27.86 -17.26 -12.82
C VAL A 493 29.39 -17.35 -12.83
N ASP A 494 30.00 -16.98 -11.71
CA ASP A 494 31.44 -17.08 -11.56
C ASP A 494 31.76 -18.55 -11.42
N GLU A 495 32.45 -19.10 -12.41
CA GLU A 495 32.81 -20.53 -12.40
C GLU A 495 34.08 -20.82 -11.58
N THR A 496 34.92 -19.79 -11.43
CA THR A 496 36.16 -19.90 -10.68
C THR A 496 35.89 -20.00 -9.18
N TYR A 497 34.67 -19.70 -8.76
CA TYR A 497 34.43 -19.55 -7.33
C TYR A 497 34.55 -20.82 -6.50
N VAL A 498 35.35 -20.73 -5.44
CA VAL A 498 35.56 -21.81 -4.51
C VAL A 498 34.70 -21.58 -3.29
N PRO A 499 33.75 -22.53 -3.04
CA PRO A 499 32.77 -22.57 -1.95
C PRO A 499 33.48 -22.81 -0.62
N LYS A 500 32.88 -22.43 0.51
CA LYS A 500 33.57 -22.57 1.79
C LYS A 500 32.67 -23.15 2.88
N GLU A 501 32.01 -24.26 2.52
CA GLU A 501 30.90 -24.88 3.27
C GLU A 501 31.06 -25.00 4.79
N PHE A 502 31.11 -26.23 5.29
CA PHE A 502 30.92 -26.51 6.72
C PHE A 502 29.74 -25.64 7.19
N ASN A 503 29.91 -24.95 8.31
CA ASN A 503 28.87 -24.04 8.81
C ASN A 503 29.25 -23.35 10.12
N ALA A 504 29.18 -24.12 11.20
CA ALA A 504 29.13 -23.62 12.57
C ALA A 504 27.81 -22.87 12.86
N GLU A 505 27.91 -21.66 13.39
CA GLU A 505 26.73 -20.93 13.85
C GLU A 505 25.99 -20.12 12.77
N THR A 506 26.56 -20.04 11.56
CA THR A 506 25.97 -19.19 10.51
C THR A 506 24.75 -19.82 9.82
N PHE A 507 23.98 -20.59 10.57
CA PHE A 507 22.78 -21.25 10.06
C PHE A 507 21.95 -21.70 11.28
N THR A 508 22.51 -21.52 12.47
CA THR A 508 21.79 -21.80 13.71
C THR A 508 21.05 -20.54 14.13
N PHE A 509 19.75 -20.54 13.88
CA PHE A 509 18.90 -19.45 14.31
C PHE A 509 18.78 -19.45 15.83
N HIS A 510 18.60 -18.26 16.39
CA HIS A 510 18.45 -18.13 17.84
C HIS A 510 17.02 -17.67 18.14
N ALA A 511 16.69 -17.57 19.42
CA ALA A 511 15.32 -17.31 19.86
C ALA A 511 14.93 -15.84 19.77
N ASP A 512 15.92 -14.96 19.65
CA ASP A 512 15.64 -13.53 19.52
C ASP A 512 15.18 -13.18 18.10
N ILE A 513 15.12 -14.19 17.23
CA ILE A 513 14.65 -13.99 15.87
C ILE A 513 13.13 -13.82 15.90
N CYS A 514 12.58 -14.08 17.08
CA CYS A 514 11.15 -14.01 17.25
C CYS A 514 10.73 -12.61 17.67
N THR A 515 11.65 -11.87 18.27
CA THR A 515 11.32 -10.55 18.80
C THR A 515 11.66 -9.43 17.83
N LEU A 516 12.30 -9.79 16.73
CA LEU A 516 12.64 -8.80 15.69
C LEU A 516 11.50 -8.55 14.72
N SER A 517 11.51 -7.36 14.11
CA SER A 517 10.48 -6.98 13.16
C SER A 517 10.48 -7.96 11.98
N GLU A 518 9.35 -8.02 11.29
CA GLU A 518 9.19 -9.03 10.26
C GLU A 518 10.19 -8.89 9.09
N LYS A 519 10.42 -7.67 8.62
CA LYS A 519 11.39 -7.44 7.56
C LYS A 519 12.78 -7.84 8.05
N GLU A 520 13.14 -7.36 9.24
CA GLU A 520 14.39 -7.74 9.91
C GLU A 520 14.51 -9.26 10.04
N ARG A 521 13.38 -9.95 10.06
CA ARG A 521 13.36 -11.41 10.18
C ARG A 521 13.68 -12.04 8.82
N GLN A 522 13.15 -11.45 7.73
CA GLN A 522 13.54 -11.86 6.37
C GLN A 522 15.03 -11.62 6.14
N ILE A 523 15.56 -10.54 6.72
CA ILE A 523 16.93 -10.15 6.50
C ILE A 523 17.88 -11.25 6.96
N LYS A 524 17.51 -11.95 8.04
CA LYS A 524 18.31 -13.08 8.52
C LYS A 524 17.90 -14.38 7.82
N LYS A 525 16.77 -14.35 7.11
CA LYS A 525 16.34 -15.45 6.24
C LYS A 525 17.07 -15.38 4.90
N GLN A 526 17.09 -14.19 4.32
CA GLN A 526 17.75 -13.90 3.06
C GLN A 526 19.25 -13.92 3.26
N THR A 527 19.72 -13.52 4.45
CA THR A 527 21.14 -13.64 4.78
C THR A 527 21.57 -15.08 4.62
N ALA A 528 20.81 -15.97 5.25
CA ALA A 528 21.15 -17.38 5.29
C ALA A 528 21.00 -18.04 3.91
N LEU A 529 20.19 -17.46 3.05
CA LEU A 529 20.10 -17.95 1.69
C LEU A 529 21.42 -17.69 0.98
N VAL A 530 22.03 -16.55 1.29
CA VAL A 530 23.25 -16.16 0.61
C VAL A 530 24.39 -17.10 1.00
N GLU A 531 24.51 -17.42 2.28
CA GLU A 531 25.54 -18.34 2.73
C GLU A 531 25.26 -19.75 2.20
N LEU A 532 24.01 -20.02 1.85
CA LEU A 532 23.64 -21.32 1.28
C LEU A 532 24.15 -21.43 -0.17
N VAL A 533 23.92 -20.38 -0.95
CA VAL A 533 24.43 -20.30 -2.32
C VAL A 533 25.96 -20.18 -2.32
N LYS A 534 26.49 -19.32 -1.44
CA LYS A 534 27.92 -19.02 -1.40
C LYS A 534 28.76 -20.27 -1.16
N HIS A 535 28.14 -21.32 -0.65
CA HIS A 535 28.93 -22.49 -0.32
C HIS A 535 28.38 -23.70 -1.07
N LYS A 536 27.16 -23.60 -1.58
CA LYS A 536 26.65 -24.67 -2.41
C LYS A 536 26.03 -24.07 -3.67
N PRO A 537 26.88 -23.46 -4.52
CA PRO A 537 26.37 -22.83 -5.73
C PRO A 537 25.92 -23.91 -6.70
N LYS A 538 25.39 -23.49 -7.84
CA LYS A 538 24.83 -24.43 -8.83
C LYS A 538 23.84 -25.43 -8.22
N ALA A 539 23.30 -25.12 -7.04
CA ALA A 539 22.34 -26.01 -6.40
C ALA A 539 20.99 -25.81 -7.06
N THR A 540 21.02 -25.89 -8.38
CA THR A 540 19.89 -25.51 -9.24
C THR A 540 19.09 -24.31 -8.75
N LYS A 541 17.82 -24.54 -8.45
CA LYS A 541 16.86 -23.45 -8.37
C LYS A 541 15.72 -23.96 -7.52
N GLU A 542 15.52 -25.28 -7.56
CA GLU A 542 14.37 -25.88 -6.90
C GLU A 542 14.62 -26.49 -5.51
N GLN A 543 15.82 -26.95 -5.22
CA GLN A 543 16.06 -27.34 -3.83
C GLN A 543 16.59 -26.13 -3.08
N LEU A 544 16.67 -25.01 -3.78
CA LEU A 544 16.90 -23.75 -3.10
C LEU A 544 15.56 -23.31 -2.54
N LYS A 545 14.53 -23.40 -3.38
CA LYS A 545 13.16 -23.06 -2.99
C LYS A 545 12.60 -24.10 -2.00
N ALA A 546 13.32 -25.22 -1.86
CA ALA A 546 12.96 -26.26 -0.89
C ALA A 546 13.68 -26.10 0.45
N VAL A 547 14.82 -25.41 0.43
CA VAL A 547 15.56 -25.13 1.65
C VAL A 547 15.03 -23.82 2.25
N MET A 548 14.33 -23.04 1.41
CA MET A 548 13.74 -21.78 1.83
C MET A 548 12.38 -21.99 2.49
N ASP A 549 11.59 -22.88 1.92
CA ASP A 549 10.35 -23.32 2.53
C ASP A 549 10.67 -23.91 3.89
N ASP A 550 11.68 -24.78 3.89
CA ASP A 550 12.13 -25.49 5.08
C ASP A 550 12.62 -24.55 6.22
N PHE A 551 13.13 -23.37 5.87
CA PHE A 551 13.58 -22.41 6.88
C PHE A 551 12.40 -21.66 7.49
N ALA A 552 11.41 -21.37 6.66
CA ALA A 552 10.22 -20.62 7.08
C ALA A 552 9.44 -21.34 8.18
N ALA A 553 8.98 -22.55 7.86
CA ALA A 553 8.19 -23.36 8.77
C ALA A 553 8.97 -23.59 10.07
N PHE A 554 10.27 -23.88 9.94
CA PHE A 554 11.11 -24.16 11.10
C PHE A 554 11.15 -22.98 12.08
N VAL A 555 11.06 -21.75 11.55
CA VAL A 555 10.98 -20.55 12.40
C VAL A 555 9.54 -20.29 12.89
N GLU A 556 8.55 -20.50 12.02
CA GLU A 556 7.13 -20.37 12.40
C GLU A 556 6.75 -21.20 13.62
N LYS A 557 7.27 -22.42 13.67
CA LYS A 557 6.91 -23.38 14.69
C LYS A 557 7.78 -23.27 15.95
N CYS A 558 9.09 -23.10 15.78
CA CYS A 558 9.94 -23.01 16.97
C CYS A 558 9.77 -21.72 17.75
N CYS A 559 9.02 -20.80 17.19
CA CYS A 559 8.53 -19.63 17.92
C CYS A 559 7.19 -19.96 18.61
N LYS A 560 6.55 -21.04 18.17
CA LYS A 560 5.26 -21.46 18.73
C LYS A 560 5.47 -22.57 19.75
N ALA A 561 6.66 -23.16 19.73
CA ALA A 561 6.98 -24.33 20.54
C ALA A 561 6.73 -24.15 22.04
N ASP A 562 6.68 -22.90 22.50
CA ASP A 562 6.60 -22.53 23.93
C ASP A 562 7.64 -23.25 24.77
N ASP A 563 8.63 -23.81 24.10
CA ASP A 563 9.57 -24.67 24.75
C ASP A 563 10.64 -23.79 25.38
N LYS A 564 11.66 -24.44 25.92
CA LYS A 564 12.79 -23.83 26.60
C LYS A 564 13.79 -23.40 25.52
N GLU A 565 13.25 -23.03 24.36
CA GLU A 565 14.00 -22.77 23.13
C GLU A 565 15.16 -23.72 22.94
N THR A 566 14.83 -25.01 22.88
CA THR A 566 15.75 -26.06 22.50
C THR A 566 15.30 -26.56 21.16
N CYS A 567 14.15 -26.07 20.72
CA CYS A 567 13.71 -26.32 19.37
C CYS A 567 14.69 -25.66 18.40
N PHE A 568 15.25 -24.51 18.78
CA PHE A 568 16.30 -23.86 17.99
C PHE A 568 17.61 -24.65 18.11
N ALA A 569 17.55 -25.87 17.59
CA ALA A 569 18.61 -26.88 17.61
C ALA A 569 17.97 -28.14 17.08
N GLU A 570 16.77 -28.41 17.60
CA GLU A 570 15.98 -29.58 17.28
C GLU A 570 15.69 -29.71 15.79
N GLU A 571 14.78 -28.87 15.30
CA GLU A 571 14.56 -28.77 13.87
C GLU A 571 15.62 -27.85 13.30
N GLY A 572 16.54 -27.43 14.16
CA GLY A 572 17.73 -26.70 13.75
C GLY A 572 18.73 -27.67 13.14
N LYS A 573 18.84 -28.86 13.71
CA LYS A 573 19.77 -29.88 13.22
C LYS A 573 19.11 -30.84 12.20
N LYS A 574 17.78 -30.84 12.15
CA LYS A 574 17.02 -31.65 11.20
C LYS A 574 16.92 -31.08 9.78
N LEU A 575 17.55 -29.93 9.55
CA LEU A 575 17.51 -29.28 8.24
C LEU A 575 18.91 -29.36 7.68
N VAL A 576 19.89 -29.42 8.58
CA VAL A 576 21.30 -29.39 8.24
C VAL A 576 21.60 -30.67 7.48
N ALA A 577 20.83 -31.72 7.79
CA ALA A 577 21.05 -33.04 7.21
C ALA A 577 20.37 -33.20 5.86
N ALA A 578 19.11 -32.78 5.75
CA ALA A 578 18.38 -32.90 4.49
C ALA A 578 18.91 -31.89 3.46
N SER A 579 19.58 -30.85 3.97
CA SER A 579 20.11 -29.76 3.15
C SER A 579 21.27 -30.28 2.31
N GLN A 580 22.23 -30.91 2.98
CA GLN A 580 23.43 -31.40 2.33
C GLN A 580 23.06 -32.46 1.28
N ALA A 581 22.83 -33.68 1.76
CA ALA A 581 22.44 -34.82 0.95
C ALA A 581 21.03 -34.65 0.35
N ALA A 582 20.20 -35.68 0.54
CA ALA A 582 18.83 -35.66 0.03
C ALA A 582 17.90 -36.38 1.01
N SER B 5 -31.19 -34.81 23.59
CA SER B 5 -30.71 -33.51 24.08
C SER B 5 -29.78 -32.76 23.13
N GLU B 6 -30.17 -31.57 22.70
CA GLU B 6 -29.39 -30.85 21.71
C GLU B 6 -28.18 -30.11 22.29
N VAL B 7 -28.35 -29.39 23.40
CA VAL B 7 -27.27 -28.56 23.92
C VAL B 7 -26.13 -29.47 24.36
N ALA B 8 -26.47 -30.73 24.64
CA ALA B 8 -25.45 -31.71 24.96
C ALA B 8 -24.75 -32.06 23.66
N HIS B 9 -25.55 -32.35 22.64
CA HIS B 9 -25.03 -32.73 21.33
C HIS B 9 -24.10 -31.68 20.71
N ARG B 10 -24.52 -30.41 20.79
CA ARG B 10 -23.71 -29.35 20.21
C ARG B 10 -22.51 -29.08 21.11
N PHE B 11 -22.67 -29.23 22.43
CA PHE B 11 -21.54 -28.99 23.32
C PHE B 11 -20.38 -29.91 22.99
N LYS B 12 -20.66 -31.17 22.66
CA LYS B 12 -19.57 -32.11 22.49
C LYS B 12 -19.06 -32.13 21.06
N ASP B 13 -19.85 -31.60 20.14
CA ASP B 13 -19.41 -31.44 18.74
C ASP B 13 -18.46 -30.26 18.54
N LEU B 14 -18.64 -29.20 19.34
CA LEU B 14 -17.88 -27.98 19.18
C LEU B 14 -16.76 -27.84 20.24
N GLY B 15 -16.92 -28.56 21.34
CA GLY B 15 -15.98 -28.44 22.42
C GLY B 15 -16.29 -27.17 23.16
N GLU B 16 -15.84 -27.06 24.40
CA GLU B 16 -16.28 -25.98 25.29
C GLU B 16 -15.93 -24.55 24.88
N GLU B 17 -14.67 -24.34 24.46
CA GLU B 17 -14.14 -22.99 24.19
C GLU B 17 -14.92 -22.29 23.08
N ASN B 18 -15.27 -23.05 22.05
CA ASN B 18 -16.06 -22.55 20.96
C ASN B 18 -17.53 -22.45 21.31
N PHE B 19 -18.06 -23.51 21.94
CA PHE B 19 -19.41 -23.48 22.46
C PHE B 19 -19.63 -22.22 23.25
N LYS B 20 -18.74 -21.96 24.20
CA LYS B 20 -18.82 -20.76 25.00
C LYS B 20 -18.65 -19.50 24.16
N ALA B 21 -17.72 -19.53 23.20
CA ALA B 21 -17.46 -18.31 22.44
C ALA B 21 -18.66 -17.98 21.57
N LEU B 22 -19.32 -19.03 21.07
CA LEU B 22 -20.45 -18.89 20.15
C LEU B 22 -21.73 -18.47 20.85
N VAL B 23 -21.94 -18.93 22.07
CA VAL B 23 -23.12 -18.53 22.83
C VAL B 23 -22.98 -17.05 23.13
N LEU B 24 -21.77 -16.63 23.54
CA LEU B 24 -21.55 -15.24 23.89
C LEU B 24 -21.88 -14.32 22.71
N ILE B 25 -21.56 -14.77 21.49
CA ILE B 25 -21.88 -14.03 20.28
C ILE B 25 -23.41 -13.93 20.10
N ALA B 26 -24.06 -15.08 20.24
CA ALA B 26 -25.49 -15.16 20.11
C ALA B 26 -26.18 -14.19 21.06
N PHE B 27 -25.72 -14.10 22.31
CA PHE B 27 -26.36 -13.18 23.25
C PHE B 27 -26.04 -11.74 22.84
N ALA B 28 -24.80 -11.50 22.41
CA ALA B 28 -24.37 -10.15 22.04
C ALA B 28 -25.03 -9.67 20.75
N GLN B 29 -25.49 -10.60 19.92
CA GLN B 29 -26.20 -10.23 18.71
C GLN B 29 -27.71 -10.03 18.97
N TYR B 30 -28.26 -10.67 20.00
CA TYR B 30 -29.68 -10.48 20.36
C TYR B 30 -29.93 -9.28 21.28
N LEU B 31 -29.10 -9.13 22.31
CA LEU B 31 -29.21 -8.00 23.21
C LEU B 31 -27.99 -7.08 23.14
N GLN B 32 -27.92 -6.27 22.11
CA GLN B 32 -26.73 -5.48 21.84
C GLN B 32 -26.51 -4.39 22.90
N GLN B 33 -27.43 -4.25 23.85
CA GLN B 33 -27.30 -3.16 24.82
C GLN B 33 -26.95 -3.65 26.22
N CYS B 34 -27.24 -4.91 26.52
CA CYS B 34 -26.86 -5.44 27.83
C CYS B 34 -25.36 -5.27 28.01
N PRO B 35 -24.94 -4.85 29.21
CA PRO B 35 -23.53 -4.65 29.49
C PRO B 35 -22.80 -5.97 29.43
N PHE B 36 -21.49 -5.89 29.17
CA PHE B 36 -20.59 -7.06 29.04
C PHE B 36 -20.71 -8.13 30.15
N GLU B 37 -20.70 -7.71 31.42
CA GLU B 37 -20.66 -8.66 32.54
C GLU B 37 -21.92 -9.51 32.67
N ASP B 38 -23.06 -8.94 32.26
CA ASP B 38 -24.32 -9.66 32.33
C ASP B 38 -24.34 -10.84 31.37
N HIS B 39 -23.80 -10.64 30.18
CA HIS B 39 -23.80 -11.72 29.18
C HIS B 39 -22.91 -12.89 29.60
N VAL B 40 -21.72 -12.56 30.11
CA VAL B 40 -20.78 -13.60 30.55
C VAL B 40 -21.46 -14.46 31.61
N LYS B 41 -22.13 -13.78 32.56
CA LYS B 41 -22.88 -14.48 33.58
C LYS B 41 -23.81 -15.51 32.95
N LEU B 42 -24.64 -15.06 32.01
CA LEU B 42 -25.56 -15.92 31.32
C LEU B 42 -24.82 -17.05 30.59
N VAL B 43 -23.74 -16.69 29.90
CA VAL B 43 -22.98 -17.68 29.13
C VAL B 43 -22.45 -18.79 30.02
N ASN B 44 -21.91 -18.40 31.17
CA ASN B 44 -21.35 -19.40 32.07
C ASN B 44 -22.46 -20.29 32.64
N GLU B 45 -23.56 -19.67 33.08
CA GLU B 45 -24.73 -20.41 33.56
C GLU B 45 -25.22 -21.40 32.52
N VAL B 46 -25.40 -20.91 31.28
CA VAL B 46 -25.85 -21.76 30.20
C VAL B 46 -24.86 -22.92 30.02
N THR B 47 -23.57 -22.62 30.18
CA THR B 47 -22.55 -23.67 30.03
C THR B 47 -22.50 -24.71 31.17
N GLU B 48 -22.70 -24.29 32.43
CA GLU B 48 -22.84 -25.27 33.53
C GLU B 48 -23.86 -26.33 33.15
N PHE B 49 -25.05 -25.85 32.83
CA PHE B 49 -26.17 -26.71 32.45
C PHE B 49 -25.76 -27.57 31.26
N ALA B 50 -25.02 -26.97 30.34
CA ALA B 50 -24.51 -27.69 29.17
C ALA B 50 -23.70 -28.89 29.64
N LYS B 51 -22.77 -28.65 30.55
CA LYS B 51 -21.92 -29.71 31.11
C LYS B 51 -22.75 -30.82 31.78
N THR B 52 -23.68 -30.45 32.67
CA THR B 52 -24.65 -31.40 33.25
C THR B 52 -25.31 -32.31 32.21
N CYS B 53 -25.69 -31.75 31.06
CA CYS B 53 -26.39 -32.53 30.05
C CYS B 53 -25.46 -33.48 29.31
N VAL B 54 -24.20 -33.07 29.13
CA VAL B 54 -23.19 -33.94 28.50
C VAL B 54 -23.13 -35.30 29.22
N ALA B 55 -23.17 -35.25 30.55
CA ALA B 55 -23.21 -36.43 31.40
C ALA B 55 -24.55 -37.15 31.20
N ASP B 56 -25.50 -36.95 32.13
CA ASP B 56 -26.84 -37.49 31.96
C ASP B 56 -27.65 -36.58 31.04
N GLU B 57 -27.86 -37.03 29.80
CA GLU B 57 -28.63 -36.26 28.82
C GLU B 57 -30.12 -36.25 29.16
N SER B 58 -30.52 -37.15 30.06
CA SER B 58 -31.93 -37.33 30.37
C SER B 58 -32.24 -36.56 31.62
N ALA B 59 -31.27 -35.77 32.06
CA ALA B 59 -31.51 -34.99 33.24
C ALA B 59 -32.40 -33.83 32.82
N GLU B 60 -33.19 -33.36 33.77
CA GLU B 60 -33.76 -32.02 33.76
C GLU B 60 -34.35 -31.50 32.43
N ASN B 61 -33.92 -30.29 32.09
CA ASN B 61 -34.38 -29.57 30.92
C ASN B 61 -33.49 -29.82 29.70
N CYS B 62 -32.69 -30.89 29.73
CA CYS B 62 -31.74 -31.16 28.68
C CYS B 62 -32.41 -31.53 27.37
N ASP B 63 -33.72 -31.81 27.41
CA ASP B 63 -34.44 -32.25 26.21
C ASP B 63 -35.12 -31.12 25.43
N LYS B 64 -34.96 -29.89 25.91
CA LYS B 64 -35.56 -28.72 25.28
C LYS B 64 -34.78 -28.29 24.02
N SER B 65 -35.40 -27.42 23.22
CA SER B 65 -34.76 -26.83 22.05
C SER B 65 -33.80 -25.73 22.47
N LEU B 66 -32.80 -25.48 21.65
CA LEU B 66 -31.82 -24.46 21.96
C LEU B 66 -32.45 -23.07 22.10
N HIS B 67 -33.43 -22.77 21.26
CA HIS B 67 -34.07 -21.47 21.29
C HIS B 67 -34.86 -21.30 22.59
N THR B 68 -35.39 -22.40 23.10
CA THR B 68 -36.04 -22.35 24.41
C THR B 68 -35.04 -22.02 25.54
N LEU B 69 -34.00 -22.85 25.66
CA LEU B 69 -32.97 -22.68 26.69
C LEU B 69 -32.32 -21.30 26.66
N PHE B 70 -31.92 -20.86 25.47
CA PHE B 70 -31.26 -19.56 25.34
C PHE B 70 -32.26 -18.43 25.47
N GLY B 71 -33.43 -18.59 24.85
CA GLY B 71 -34.50 -17.62 24.96
C GLY B 71 -34.92 -17.44 26.40
N ASP B 72 -35.07 -18.55 27.13
CA ASP B 72 -35.38 -18.50 28.56
C ASP B 72 -34.34 -17.68 29.29
N LYS B 73 -33.07 -18.00 29.04
CA LYS B 73 -31.98 -17.37 29.77
C LYS B 73 -31.90 -15.89 29.46
N LEU B 74 -32.08 -15.58 28.18
CA LEU B 74 -32.06 -14.22 27.68
C LEU B 74 -33.15 -13.42 28.40
N CYS B 75 -34.28 -14.07 28.64
CA CYS B 75 -35.45 -13.41 29.23
C CYS B 75 -35.43 -13.24 30.74
N THR B 76 -34.48 -13.88 31.42
CA THR B 76 -34.38 -13.71 32.85
C THR B 76 -33.90 -12.30 33.18
N VAL B 77 -33.32 -11.63 32.19
CA VAL B 77 -32.77 -10.30 32.40
C VAL B 77 -33.28 -9.30 31.36
N ALA B 78 -33.94 -9.80 30.32
CA ALA B 78 -34.45 -8.96 29.24
C ALA B 78 -35.79 -8.29 29.59
N THR B 79 -36.62 -8.96 30.40
CA THR B 79 -37.93 -8.45 30.84
C THR B 79 -37.89 -7.06 31.48
N LEU B 80 -36.68 -6.57 31.76
CA LEU B 80 -36.45 -5.22 32.27
C LEU B 80 -36.91 -4.32 31.11
N ARG B 81 -38.20 -4.00 31.10
CA ARG B 81 -38.87 -3.32 29.98
C ARG B 81 -38.35 -1.90 29.76
N GLU B 82 -38.00 -1.25 30.87
CA GLU B 82 -37.65 0.17 30.90
C GLU B 82 -36.23 0.54 30.46
N THR B 83 -35.38 -0.47 30.34
CA THR B 83 -33.96 -0.25 30.06
C THR B 83 -33.55 -0.85 28.72
N TYR B 84 -34.41 -1.73 28.18
CA TYR B 84 -34.15 -2.36 26.89
C TYR B 84 -35.31 -2.09 25.94
N GLY B 85 -36.41 -1.56 26.48
CA GLY B 85 -37.55 -1.16 25.68
C GLY B 85 -38.44 -2.31 25.23
N GLU B 86 -38.45 -2.53 23.92
CA GLU B 86 -39.37 -3.45 23.23
C GLU B 86 -38.95 -4.93 23.21
N MET B 87 -37.96 -5.32 24.01
CA MET B 87 -37.45 -6.72 24.02
C MET B 87 -38.21 -7.66 25.00
N ALA B 88 -38.95 -7.09 25.95
CA ALA B 88 -39.81 -7.86 26.87
C ALA B 88 -41.11 -8.19 26.15
N ASP B 89 -41.41 -7.40 25.12
CA ASP B 89 -42.40 -7.71 24.09
C ASP B 89 -42.02 -9.12 23.67
N CYS B 90 -40.77 -9.31 23.23
CA CYS B 90 -40.30 -10.62 22.80
C CYS B 90 -40.40 -11.70 23.89
N CYS B 91 -40.24 -11.30 25.14
CA CYS B 91 -40.20 -12.27 26.23
C CYS B 91 -41.60 -12.73 26.64
N ALA B 92 -42.62 -12.00 26.18
CA ALA B 92 -44.01 -12.33 26.45
C ALA B 92 -44.57 -13.40 25.54
N LYS B 93 -43.86 -13.67 24.44
CA LYS B 93 -44.29 -14.65 23.44
C LYS B 93 -43.65 -16.04 23.68
N GLN B 94 -44.16 -17.05 22.98
CA GLN B 94 -43.61 -18.40 23.03
C GLN B 94 -42.83 -18.68 21.75
N GLU B 95 -41.97 -19.68 21.78
CA GLU B 95 -41.24 -20.02 20.56
C GLU B 95 -42.19 -20.63 19.53
N PRO B 96 -41.93 -20.42 18.23
CA PRO B 96 -40.80 -19.65 17.71
C PRO B 96 -41.11 -18.17 17.49
N GLU B 97 -42.25 -17.67 17.99
CA GLU B 97 -42.55 -16.25 17.83
C GLU B 97 -41.53 -15.41 18.59
N ARG B 98 -41.10 -15.89 19.76
CA ARG B 98 -40.11 -15.20 20.60
C ARG B 98 -38.79 -15.04 19.85
N ASN B 99 -38.28 -16.15 19.32
CA ASN B 99 -37.06 -16.09 18.54
C ASN B 99 -37.24 -15.14 17.37
N GLU B 100 -38.40 -15.24 16.73
CA GLU B 100 -38.72 -14.41 15.58
C GLU B 100 -38.78 -12.97 16.02
N CYS B 101 -39.32 -12.74 17.20
CA CYS B 101 -39.29 -11.39 17.76
C CYS B 101 -37.85 -10.88 18.04
N PHE B 102 -36.96 -11.74 18.56
CA PHE B 102 -35.57 -11.35 18.83
C PHE B 102 -34.75 -10.98 17.58
N LEU B 103 -34.89 -11.77 16.52
CA LEU B 103 -34.19 -11.52 15.27
C LEU B 103 -34.59 -10.17 14.64
N GLN B 104 -35.84 -9.74 14.82
CA GLN B 104 -36.31 -8.51 14.16
C GLN B 104 -35.73 -7.26 14.76
N HIS B 105 -35.33 -7.36 16.02
CA HIS B 105 -34.87 -6.20 16.74
C HIS B 105 -33.35 -6.05 16.67
N LYS B 106 -32.70 -6.82 15.81
CA LYS B 106 -31.27 -6.60 15.57
C LYS B 106 -31.12 -5.20 15.02
N ASP B 107 -30.21 -4.42 15.59
CA ASP B 107 -30.00 -3.05 15.14
C ASP B 107 -28.74 -3.01 14.27
N ASP B 108 -28.91 -2.70 12.98
CA ASP B 108 -27.78 -2.62 12.06
C ASP B 108 -26.90 -1.43 12.35
N ASN B 109 -27.37 -0.56 13.24
CA ASN B 109 -26.61 0.65 13.52
C ASN B 109 -26.85 1.18 14.93
N PRO B 110 -26.55 0.36 15.95
CA PRO B 110 -26.93 0.76 17.32
C PRO B 110 -26.16 1.99 17.80
N ASN B 111 -26.72 2.73 18.76
CA ASN B 111 -26.08 3.93 19.27
C ASN B 111 -24.95 3.63 20.28
N LEU B 112 -24.02 2.78 19.88
CA LEU B 112 -22.90 2.42 20.71
C LEU B 112 -21.75 3.36 20.37
N PRO B 113 -20.90 3.67 21.36
CA PRO B 113 -19.75 4.57 21.18
C PRO B 113 -18.71 4.03 20.20
N ARG B 114 -17.98 4.93 19.55
CA ARG B 114 -16.95 4.59 18.57
C ARG B 114 -15.80 3.77 19.17
N LEU B 115 -15.31 2.80 18.41
CA LEU B 115 -14.17 1.99 18.83
C LEU B 115 -12.89 2.81 18.79
N VAL B 116 -12.17 2.85 19.91
CA VAL B 116 -10.92 3.59 19.95
C VAL B 116 -9.73 2.66 20.18
N ARG B 117 -8.64 2.94 19.48
CA ARG B 117 -7.42 2.15 19.62
C ARG B 117 -6.45 2.88 20.53
N PRO B 118 -6.28 2.38 21.77
CA PRO B 118 -5.35 2.97 22.74
C PRO B 118 -3.92 2.79 22.30
N GLU B 119 -2.97 3.34 23.05
CA GLU B 119 -1.56 3.07 22.75
C GLU B 119 -1.18 1.59 22.91
N VAL B 120 -0.22 1.17 22.09
CA VAL B 120 0.22 -0.21 22.00
C VAL B 120 0.50 -0.78 23.38
N ASP B 121 1.28 -0.04 24.15
CA ASP B 121 1.60 -0.44 25.52
C ASP B 121 0.36 -0.62 26.41
N VAL B 122 -0.54 0.35 26.33
CA VAL B 122 -1.80 0.32 27.05
C VAL B 122 -2.61 -0.92 26.69
N MET B 123 -2.63 -1.29 25.41
CA MET B 123 -3.38 -2.47 24.99
C MET B 123 -2.70 -3.77 25.45
N CYS B 124 -1.39 -3.86 25.27
CA CYS B 124 -0.65 -5.06 25.68
C CYS B 124 -0.71 -5.26 27.19
N THR B 125 -0.75 -4.14 27.92
CA THR B 125 -0.88 -4.19 29.37
C THR B 125 -2.23 -4.79 29.70
N ALA B 126 -3.27 -4.23 29.10
CA ALA B 126 -4.63 -4.71 29.32
C ALA B 126 -4.80 -6.17 28.91
N PHE B 127 -4.10 -6.58 27.86
CA PHE B 127 -4.12 -7.98 27.46
C PHE B 127 -3.51 -8.90 28.52
N HIS B 128 -2.32 -8.56 29.01
CA HIS B 128 -1.58 -9.41 29.96
C HIS B 128 -2.30 -9.53 31.30
N ASP B 129 -2.90 -8.41 31.73
CA ASP B 129 -3.75 -8.36 32.91
C ASP B 129 -4.67 -9.58 33.00
N ASN B 130 -5.48 -9.78 31.97
CA ASN B 130 -6.38 -10.93 31.91
C ASN B 130 -6.63 -11.35 30.47
N GLU B 131 -5.82 -12.30 29.99
CA GLU B 131 -5.86 -12.67 28.58
C GLU B 131 -7.23 -13.15 28.12
N GLU B 132 -7.95 -13.83 29.01
CA GLU B 132 -9.21 -14.41 28.54
C GLU B 132 -10.35 -13.39 28.53
N THR B 133 -10.38 -12.49 29.51
CA THR B 133 -11.38 -11.43 29.53
C THR B 133 -11.20 -10.53 28.30
N PHE B 134 -9.94 -10.32 27.92
CA PHE B 134 -9.56 -9.45 26.79
C PHE B 134 -10.15 -10.01 25.49
N LEU B 135 -10.18 -11.33 25.36
CA LEU B 135 -10.71 -11.92 24.15
C LEU B 135 -12.24 -11.84 24.13
N LYS B 136 -12.89 -12.25 25.22
CA LYS B 136 -14.34 -12.20 25.32
C LYS B 136 -14.86 -10.80 25.06
N LYS B 137 -14.13 -9.79 25.53
CA LYS B 137 -14.50 -8.42 25.24
C LYS B 137 -14.48 -8.12 23.75
N TYR B 138 -13.52 -8.70 23.03
CA TYR B 138 -13.42 -8.51 21.58
C TYR B 138 -14.65 -9.13 20.93
N LEU B 139 -14.92 -10.39 21.24
CA LEU B 139 -16.12 -11.07 20.78
C LEU B 139 -17.36 -10.24 21.09
N TYR B 140 -17.43 -9.68 22.29
CA TYR B 140 -18.62 -8.95 22.72
C TYR B 140 -18.78 -7.65 21.95
N GLU B 141 -17.71 -6.86 21.85
CA GLU B 141 -17.81 -5.56 21.21
C GLU B 141 -18.05 -5.60 19.69
N ILE B 142 -17.48 -6.58 19.02
CA ILE B 142 -17.68 -6.68 17.59
C ILE B 142 -19.08 -7.22 17.31
N ALA B 143 -19.46 -8.26 18.05
CA ALA B 143 -20.73 -8.94 17.79
C ALA B 143 -21.95 -8.04 17.98
N ARG B 144 -21.97 -7.24 19.02
CA ARG B 144 -23.12 -6.37 19.29
C ARG B 144 -23.20 -5.29 18.24
N ARG B 145 -22.06 -4.99 17.63
CA ARG B 145 -21.96 -3.97 16.59
C ARG B 145 -22.13 -4.54 15.19
N HIS B 146 -22.09 -5.86 15.09
CA HIS B 146 -22.27 -6.55 13.82
C HIS B 146 -23.19 -7.76 14.03
N PRO B 147 -24.49 -7.48 14.25
CA PRO B 147 -25.44 -8.52 14.69
C PRO B 147 -25.68 -9.65 13.68
N TYR B 148 -25.17 -9.50 12.47
CA TYR B 148 -25.34 -10.51 11.45
C TYR B 148 -24.01 -11.13 11.05
N PHE B 149 -22.94 -10.80 11.76
CA PHE B 149 -21.62 -11.35 11.44
C PHE B 149 -21.66 -12.88 11.44
N TYR B 150 -20.97 -13.46 10.46
CA TYR B 150 -20.89 -14.91 10.31
C TYR B 150 -20.19 -15.44 11.55
N ALA B 151 -20.96 -16.05 12.44
CA ALA B 151 -20.46 -16.38 13.77
C ALA B 151 -19.23 -17.28 13.75
N PRO B 152 -19.28 -18.42 13.03
CA PRO B 152 -18.03 -19.20 12.99
C PRO B 152 -16.80 -18.48 12.41
N GLU B 153 -17.01 -17.51 11.53
CA GLU B 153 -15.88 -16.75 11.01
C GLU B 153 -15.36 -15.74 12.07
N LEU B 154 -16.22 -15.32 12.98
CA LEU B 154 -15.75 -14.46 14.06
C LEU B 154 -14.76 -15.21 14.99
N LEU B 155 -14.94 -16.52 15.16
CA LEU B 155 -14.00 -17.28 15.99
C LEU B 155 -12.59 -17.15 15.40
N PHE B 156 -12.48 -17.25 14.09
CA PHE B 156 -11.20 -17.13 13.40
C PHE B 156 -10.61 -15.75 13.61
N PHE B 157 -11.45 -14.72 13.61
CA PHE B 157 -10.96 -13.38 13.90
C PHE B 157 -10.42 -13.33 15.32
N ALA B 158 -11.16 -13.94 16.25
CA ALA B 158 -10.68 -14.03 17.63
C ALA B 158 -9.33 -14.74 17.72
N LYS B 159 -9.18 -15.87 17.03
CA LYS B 159 -7.94 -16.65 17.07
C LYS B 159 -6.77 -15.77 16.65
N ARG B 160 -6.94 -15.08 15.53
CA ARG B 160 -5.91 -14.18 15.01
C ARG B 160 -5.66 -12.96 15.90
N TYR B 161 -6.71 -12.39 16.48
CA TYR B 161 -6.58 -11.24 17.38
C TYR B 161 -5.75 -11.65 18.61
N LYS B 162 -6.06 -12.80 19.20
CA LYS B 162 -5.28 -13.37 20.29
C LYS B 162 -3.81 -13.57 19.89
N ALA B 163 -3.59 -14.09 18.68
CA ALA B 163 -2.26 -14.38 18.18
C ALA B 163 -1.50 -13.10 17.91
N ALA B 164 -2.20 -12.04 17.56
CA ALA B 164 -1.52 -10.80 17.25
C ALA B 164 -0.96 -10.23 18.55
N PHE B 165 -1.73 -10.33 19.63
CA PHE B 165 -1.26 -9.83 20.91
C PHE B 165 -0.20 -10.75 21.56
N THR B 166 -0.42 -12.06 21.52
CA THR B 166 0.55 -13.02 22.05
C THR B 166 1.94 -12.84 21.44
N GLU B 167 2.04 -12.80 20.12
CA GLU B 167 3.31 -12.59 19.43
C GLU B 167 3.86 -11.19 19.63
N CYS B 168 3.08 -10.17 19.29
CA CYS B 168 3.60 -8.80 19.25
C CYS B 168 3.84 -8.11 20.59
N CYS B 169 3.16 -8.55 21.66
CA CYS B 169 3.29 -7.87 22.95
C CYS B 169 4.59 -8.17 23.68
N GLN B 170 5.46 -8.93 23.02
CA GLN B 170 6.77 -9.18 23.57
C GLN B 170 7.82 -8.99 22.49
N ALA B 171 7.43 -8.38 21.38
CA ALA B 171 8.42 -7.97 20.40
C ALA B 171 9.25 -6.82 20.97
N ALA B 172 10.42 -6.59 20.40
CA ALA B 172 11.22 -5.45 20.81
C ALA B 172 10.48 -4.20 20.38
N ASP B 173 10.03 -4.19 19.13
CA ASP B 173 9.19 -3.12 18.64
C ASP B 173 7.75 -3.63 18.62
N LYS B 174 6.96 -3.22 19.61
CA LYS B 174 5.59 -3.67 19.70
C LYS B 174 4.73 -3.11 18.55
N ALA B 175 4.70 -1.79 18.40
CA ALA B 175 3.86 -1.16 17.40
C ALA B 175 4.11 -1.73 15.99
N ALA B 176 5.36 -1.87 15.61
CA ALA B 176 5.71 -2.39 14.28
C ALA B 176 5.17 -3.80 14.06
N CYS B 177 5.04 -4.54 15.14
CA CYS B 177 4.52 -5.88 15.02
C CYS B 177 2.97 -5.90 15.05
N LEU B 178 2.38 -5.14 15.98
CA LEU B 178 0.95 -5.25 16.28
C LEU B 178 0.02 -4.51 15.29
N LEU B 179 0.29 -3.23 15.07
CA LEU B 179 -0.60 -2.34 14.33
C LEU B 179 -0.97 -2.79 12.91
N PRO B 180 0.02 -3.19 12.09
CA PRO B 180 -0.42 -3.61 10.75
C PRO B 180 -1.30 -4.88 10.77
N LYS B 181 -1.14 -5.68 11.82
CA LYS B 181 -1.97 -6.85 11.99
C LYS B 181 -3.40 -6.43 12.37
N LEU B 182 -3.55 -5.50 13.31
CA LEU B 182 -4.88 -5.04 13.72
C LEU B 182 -5.57 -4.32 12.56
N ASP B 183 -4.81 -3.47 11.89
CA ASP B 183 -5.27 -2.76 10.71
C ASP B 183 -5.80 -3.74 9.67
N GLU B 184 -5.07 -4.84 9.49
CA GLU B 184 -5.49 -5.84 8.52
C GLU B 184 -6.76 -6.58 8.99
N LEU B 185 -6.90 -6.79 10.29
CA LEU B 185 -8.08 -7.48 10.82
C LEU B 185 -9.31 -6.60 10.72
N ARG B 186 -9.10 -5.33 11.00
CA ARG B 186 -10.16 -4.34 10.95
C ARG B 186 -10.75 -4.20 9.54
N ASP B 187 -9.90 -4.20 8.52
CA ASP B 187 -10.35 -4.03 7.15
C ASP B 187 -11.05 -5.29 6.67
N GLU B 188 -10.44 -6.43 6.94
CA GLU B 188 -11.01 -7.72 6.57
C GLU B 188 -12.36 -7.97 7.25
N GLY B 189 -12.48 -7.51 8.50
CA GLY B 189 -13.71 -7.64 9.25
C GLY B 189 -14.88 -6.91 8.62
N LYS B 190 -14.64 -5.66 8.27
CA LYS B 190 -15.66 -4.84 7.61
C LYS B 190 -16.11 -5.51 6.32
N ALA B 191 -15.16 -5.94 5.50
CA ALA B 191 -15.49 -6.56 4.24
C ALA B 191 -16.29 -7.81 4.53
N SER B 192 -15.91 -8.51 5.59
CA SER B 192 -16.56 -9.75 5.98
C SER B 192 -17.97 -9.56 6.47
N SER B 193 -18.18 -8.52 7.26
CA SER B 193 -19.48 -8.23 7.84
C SER B 193 -20.47 -7.81 6.79
N ALA B 194 -20.08 -6.85 5.96
CA ALA B 194 -20.95 -6.34 4.91
C ALA B 194 -21.34 -7.48 3.97
N LYS B 195 -20.34 -8.26 3.56
CA LYS B 195 -20.54 -9.42 2.69
C LYS B 195 -21.61 -10.36 3.27
N GLN B 196 -21.58 -10.57 4.58
CA GLN B 196 -22.56 -11.46 5.22
C GLN B 196 -23.93 -10.79 5.41
N ARG B 197 -23.97 -9.46 5.46
CA ARG B 197 -25.25 -8.79 5.57
C ARG B 197 -26.07 -9.11 4.32
N LEU B 198 -25.41 -9.15 3.15
CA LEU B 198 -26.11 -9.51 1.92
C LEU B 198 -26.64 -10.94 2.00
N LYS B 199 -25.83 -11.87 2.51
CA LYS B 199 -26.25 -13.26 2.67
C LYS B 199 -27.57 -13.33 3.43
N CYS B 200 -27.63 -12.70 4.59
CA CYS B 200 -28.82 -12.77 5.41
C CYS B 200 -29.98 -11.95 4.86
N ALA B 201 -29.67 -10.81 4.22
CA ALA B 201 -30.70 -9.99 3.59
C ALA B 201 -31.40 -10.77 2.47
N SER B 202 -30.62 -11.48 1.66
CA SER B 202 -31.18 -12.26 0.58
C SER B 202 -32.01 -13.44 1.10
N LEU B 203 -31.52 -14.09 2.13
CA LEU B 203 -32.27 -15.19 2.73
C LEU B 203 -33.60 -14.70 3.34
N GLN B 204 -33.54 -13.65 4.14
CA GLN B 204 -34.70 -13.26 4.92
C GLN B 204 -35.74 -12.52 4.10
N LYS B 205 -35.29 -11.68 3.19
CA LYS B 205 -36.21 -10.83 2.46
C LYS B 205 -36.62 -11.47 1.13
N PHE B 206 -35.68 -12.13 0.46
CA PHE B 206 -35.96 -12.67 -0.87
C PHE B 206 -36.07 -14.20 -0.90
N GLY B 207 -35.73 -14.86 0.21
CA GLY B 207 -36.11 -16.26 0.37
C GLY B 207 -35.04 -17.24 -0.02
N GLU B 208 -35.21 -18.49 0.39
CA GLU B 208 -34.20 -19.50 0.22
C GLU B 208 -33.81 -19.69 -1.26
N ARG B 209 -34.81 -19.71 -2.12
CA ARG B 209 -34.62 -19.93 -3.54
C ARG B 209 -33.66 -18.94 -4.16
N ALA B 210 -33.65 -17.69 -3.65
CA ALA B 210 -32.71 -16.65 -4.13
C ALA B 210 -31.29 -16.94 -3.67
N PHE B 211 -31.15 -17.42 -2.44
CA PHE B 211 -29.81 -17.69 -1.94
C PHE B 211 -29.24 -18.88 -2.69
N LYS B 212 -30.05 -19.91 -2.92
CA LYS B 212 -29.58 -21.12 -3.58
C LYS B 212 -29.10 -20.85 -5.00
N ALA B 213 -29.81 -20.01 -5.73
CA ALA B 213 -29.39 -19.62 -7.07
C ALA B 213 -28.05 -18.90 -7.07
N TRP B 214 -27.88 -17.95 -6.16
CA TRP B 214 -26.62 -17.24 -6.01
C TRP B 214 -25.55 -18.28 -5.80
N ALA B 215 -25.88 -19.33 -5.07
CA ALA B 215 -24.88 -20.29 -4.69
C ALA B 215 -24.49 -21.14 -5.90
N VAL B 216 -25.47 -21.63 -6.65
CA VAL B 216 -25.19 -22.41 -7.84
C VAL B 216 -24.22 -21.64 -8.71
N ALA B 217 -24.50 -20.37 -8.96
CA ALA B 217 -23.59 -19.52 -9.76
C ALA B 217 -22.20 -19.30 -9.16
N ARG B 218 -22.09 -19.01 -7.87
CA ARG B 218 -20.77 -18.71 -7.32
C ARG B 218 -19.96 -19.96 -7.16
N LEU B 219 -20.58 -21.07 -6.78
CA LEU B 219 -19.85 -22.31 -6.61
C LEU B 219 -19.51 -22.93 -7.96
N SER B 220 -20.36 -22.73 -8.98
CA SER B 220 -20.07 -23.27 -10.30
C SER B 220 -18.91 -22.56 -10.97
N GLN B 221 -18.83 -21.24 -10.81
CA GLN B 221 -17.66 -20.48 -11.29
C GLN B 221 -16.38 -20.96 -10.60
N ARG B 222 -16.54 -21.28 -9.32
CA ARG B 222 -15.44 -21.62 -8.46
C ARG B 222 -15.00 -23.06 -8.66
N PHE B 223 -15.97 -23.94 -8.87
CA PHE B 223 -15.70 -25.38 -9.02
C PHE B 223 -16.18 -25.88 -10.38
N PRO B 224 -15.62 -25.31 -11.46
CA PRO B 224 -16.18 -25.61 -12.77
C PRO B 224 -15.87 -27.03 -13.29
N LYS B 225 -15.01 -27.76 -12.58
CA LYS B 225 -14.71 -29.14 -12.96
C LYS B 225 -15.71 -30.09 -12.30
N ALA B 226 -16.47 -29.57 -11.33
CA ALA B 226 -17.38 -30.41 -10.56
C ALA B 226 -18.65 -30.77 -11.33
N GLU B 227 -19.11 -32.01 -11.17
CA GLU B 227 -20.35 -32.42 -11.79
C GLU B 227 -21.47 -31.61 -11.17
N PHE B 228 -22.57 -31.51 -11.89
CA PHE B 228 -23.70 -30.74 -11.40
C PHE B 228 -24.20 -31.28 -10.05
N ALA B 229 -24.35 -32.60 -9.94
CA ALA B 229 -24.89 -33.18 -8.70
C ALA B 229 -24.06 -32.84 -7.48
N GLU B 230 -22.74 -32.69 -7.67
CA GLU B 230 -21.82 -32.34 -6.58
C GLU B 230 -22.11 -30.91 -6.09
N VAL B 231 -22.15 -29.98 -7.04
CA VAL B 231 -22.46 -28.58 -6.75
C VAL B 231 -23.80 -28.44 -6.01
N SER B 232 -24.80 -29.22 -6.42
CA SER B 232 -26.12 -29.16 -5.80
C SER B 232 -26.04 -29.59 -4.35
N LYS B 233 -25.23 -30.61 -4.09
CA LYS B 233 -25.04 -31.08 -2.74
C LYS B 233 -24.39 -29.97 -1.96
N LEU B 234 -23.41 -29.33 -2.58
CA LEU B 234 -22.66 -28.28 -1.90
C LEU B 234 -23.55 -27.08 -1.63
N VAL B 235 -24.29 -26.67 -2.66
CA VAL B 235 -25.23 -25.56 -2.54
C VAL B 235 -26.20 -25.84 -1.40
N THR B 236 -26.69 -27.06 -1.35
CA THR B 236 -27.64 -27.44 -0.34
C THR B 236 -27.04 -27.30 1.05
N ASP B 237 -25.84 -27.84 1.26
CA ASP B 237 -25.18 -27.77 2.56
C ASP B 237 -24.86 -26.34 2.96
N LEU B 238 -24.31 -25.60 2.00
CA LEU B 238 -23.95 -24.22 2.22
C LEU B 238 -25.19 -23.41 2.59
N THR B 239 -26.32 -23.77 2.01
CA THR B 239 -27.54 -23.05 2.30
C THR B 239 -28.01 -23.36 3.72
N LYS B 240 -27.98 -24.63 4.09
CA LYS B 240 -28.40 -25.04 5.43
C LYS B 240 -27.62 -24.25 6.48
N VAL B 241 -26.34 -24.05 6.19
CA VAL B 241 -25.43 -23.37 7.10
C VAL B 241 -25.78 -21.90 7.25
N HIS B 242 -25.89 -21.18 6.14
CA HIS B 242 -26.14 -19.75 6.22
C HIS B 242 -27.56 -19.44 6.66
N THR B 243 -28.50 -20.34 6.36
CA THR B 243 -29.86 -20.19 6.85
C THR B 243 -29.80 -20.25 8.36
N GLU B 244 -28.98 -21.16 8.86
CA GLU B 244 -28.83 -21.28 10.31
C GLU B 244 -28.20 -20.03 10.92
N CYS B 245 -27.10 -19.54 10.35
CA CYS B 245 -26.44 -18.35 10.90
C CYS B 245 -27.29 -17.09 10.82
N CYS B 246 -28.00 -16.91 9.72
CA CYS B 246 -28.84 -15.71 9.55
C CYS B 246 -30.12 -15.79 10.40
N HIS B 247 -30.46 -17.00 10.84
CA HIS B 247 -31.61 -17.16 11.71
C HIS B 247 -31.16 -17.17 13.19
N GLY B 248 -29.86 -17.15 13.44
CA GLY B 248 -29.35 -17.07 14.80
C GLY B 248 -29.25 -18.41 15.51
N ASP B 249 -29.20 -19.49 14.74
CA ASP B 249 -28.97 -20.79 15.35
C ASP B 249 -27.48 -21.02 15.27
N LEU B 250 -26.70 -20.23 15.99
CA LEU B 250 -25.25 -20.16 15.77
C LEU B 250 -24.51 -21.48 16.04
N LEU B 251 -25.04 -22.30 16.94
CA LEU B 251 -24.33 -23.55 17.28
C LEU B 251 -24.47 -24.53 16.14
N GLU B 252 -25.68 -24.61 15.58
CA GLU B 252 -25.92 -25.49 14.45
C GLU B 252 -25.15 -25.02 13.23
N CYS B 253 -25.15 -23.71 13.04
CA CYS B 253 -24.40 -23.12 11.95
C CYS B 253 -22.94 -23.56 11.98
N ALA B 254 -22.24 -23.34 13.09
CA ALA B 254 -20.81 -23.71 13.16
C ALA B 254 -20.57 -25.20 12.93
N ASP B 255 -21.36 -26.03 13.60
CA ASP B 255 -21.21 -27.47 13.47
C ASP B 255 -21.32 -27.87 12.00
N ASP B 256 -22.41 -27.46 11.36
CA ASP B 256 -22.69 -27.78 9.95
C ASP B 256 -21.64 -27.23 8.98
N ARG B 257 -21.04 -26.10 9.32
CA ARG B 257 -19.99 -25.50 8.51
C ARG B 257 -18.70 -26.29 8.63
N ALA B 258 -18.44 -26.83 9.82
CA ALA B 258 -17.27 -27.69 10.02
C ALA B 258 -17.45 -29.03 9.32
N ASP B 259 -18.69 -29.53 9.29
CA ASP B 259 -19.02 -30.76 8.56
C ASP B 259 -18.85 -30.56 7.07
N LEU B 260 -19.19 -29.37 6.59
CA LEU B 260 -19.08 -29.02 5.18
C LEU B 260 -17.60 -28.93 4.73
N ALA B 261 -16.75 -28.27 5.52
CA ALA B 261 -15.34 -28.14 5.16
C ALA B 261 -14.75 -29.54 5.03
N LYS B 262 -14.96 -30.33 6.08
CA LYS B 262 -14.56 -31.73 6.11
C LYS B 262 -14.94 -32.45 4.81
N TYR B 263 -16.21 -32.34 4.42
CA TYR B 263 -16.65 -33.02 3.22
C TYR B 263 -15.92 -32.53 1.98
N ILE B 264 -15.68 -31.23 1.91
CA ILE B 264 -15.03 -30.67 0.75
C ILE B 264 -13.59 -31.23 0.67
N CYS B 265 -12.88 -31.20 1.80
CA CYS B 265 -11.48 -31.64 1.79
C CYS B 265 -11.35 -33.14 1.55
N GLU B 266 -12.41 -33.89 1.86
CA GLU B 266 -12.41 -35.32 1.62
C GLU B 266 -12.88 -35.67 0.22
N ASN B 267 -13.15 -34.66 -0.60
CA ASN B 267 -13.58 -34.90 -1.99
C ASN B 267 -13.02 -33.91 -3.02
N GLN B 268 -11.81 -33.43 -2.78
CA GLN B 268 -11.12 -32.48 -3.66
C GLN B 268 -11.09 -32.94 -5.11
N ASP B 269 -10.92 -34.24 -5.33
CA ASP B 269 -10.78 -34.78 -6.70
C ASP B 269 -12.07 -34.65 -7.51
N SER B 270 -13.20 -34.44 -6.84
CA SER B 270 -14.48 -34.23 -7.49
C SER B 270 -15.00 -32.80 -7.33
N ILE B 271 -14.12 -31.89 -6.92
CA ILE B 271 -14.50 -30.52 -6.62
C ILE B 271 -13.51 -29.56 -7.27
N SER B 272 -12.26 -29.51 -6.80
CA SER B 272 -11.26 -28.63 -7.42
C SER B 272 -9.78 -28.85 -7.02
N SER B 273 -8.88 -28.33 -7.84
CA SER B 273 -7.44 -28.53 -7.65
C SER B 273 -6.81 -27.40 -6.85
N LYS B 274 -7.64 -26.47 -6.37
CA LYS B 274 -7.13 -25.31 -5.65
C LYS B 274 -7.13 -25.54 -4.14
N LEU B 275 -7.57 -26.73 -3.74
CA LEU B 275 -7.92 -27.02 -2.35
C LEU B 275 -6.86 -27.73 -1.55
N LYS B 276 -5.80 -28.21 -2.20
CA LYS B 276 -4.78 -28.99 -1.49
C LYS B 276 -4.28 -28.24 -0.27
N GLU B 277 -4.01 -26.95 -0.45
CA GLU B 277 -3.41 -26.18 0.63
C GLU B 277 -4.36 -25.81 1.77
N CYS B 278 -5.56 -25.36 1.42
CA CYS B 278 -6.57 -25.06 2.43
C CYS B 278 -6.84 -26.25 3.32
N CYS B 279 -7.00 -27.43 2.72
CA CYS B 279 -7.43 -28.59 3.46
C CYS B 279 -6.36 -29.19 4.37
N GLU B 280 -5.20 -28.53 4.44
CA GLU B 280 -4.12 -28.94 5.35
C GLU B 280 -4.11 -28.07 6.61
N LYS B 281 -4.84 -26.96 6.58
CA LYS B 281 -4.87 -25.98 7.66
C LYS B 281 -5.65 -26.48 8.87
N PRO B 282 -5.43 -25.86 10.05
CA PRO B 282 -6.25 -26.12 11.24
C PRO B 282 -7.71 -25.83 10.98
N LEU B 283 -8.58 -26.29 11.87
CA LEU B 283 -10.04 -26.16 11.74
C LEU B 283 -10.60 -24.82 11.24
N LEU B 284 -10.41 -23.77 12.03
CA LEU B 284 -10.87 -22.42 11.71
C LEU B 284 -10.29 -21.90 10.39
N GLU B 285 -8.97 -22.04 10.21
CA GLU B 285 -8.36 -21.52 8.99
C GLU B 285 -8.82 -22.32 7.78
N LYS B 286 -9.02 -23.62 7.97
CA LYS B 286 -9.53 -24.47 6.89
C LYS B 286 -10.87 -23.95 6.33
N SER B 287 -11.79 -23.59 7.21
CA SER B 287 -13.09 -23.13 6.76
C SER B 287 -13.02 -21.73 6.17
N HIS B 288 -12.21 -20.88 6.77
CA HIS B 288 -11.93 -19.57 6.20
C HIS B 288 -11.26 -19.71 4.81
N CYS B 289 -10.36 -20.67 4.67
CA CYS B 289 -9.62 -20.85 3.42
C CYS B 289 -10.48 -21.27 2.25
N ILE B 290 -11.21 -22.37 2.43
CA ILE B 290 -12.09 -22.93 1.40
C ILE B 290 -13.09 -21.89 0.88
N ALA B 291 -13.56 -21.04 1.78
CA ALA B 291 -14.66 -20.12 1.47
C ALA B 291 -14.27 -19.01 0.49
N GLU B 292 -12.96 -18.76 0.38
CA GLU B 292 -12.43 -17.70 -0.50
C GLU B 292 -11.40 -18.23 -1.54
N VAL B 293 -11.41 -19.52 -1.79
CA VAL B 293 -10.38 -20.11 -2.63
C VAL B 293 -10.47 -19.60 -4.08
N GLU B 294 -9.33 -19.52 -4.76
CA GLU B 294 -9.35 -19.10 -6.15
C GLU B 294 -10.19 -20.06 -7.02
N ASN B 295 -10.77 -19.53 -8.10
CA ASN B 295 -11.52 -20.39 -9.03
C ASN B 295 -10.58 -21.42 -9.64
N ASP B 296 -11.09 -22.62 -9.83
CA ASP B 296 -10.34 -23.67 -10.53
C ASP B 296 -10.39 -23.36 -12.01
N GLU B 297 -9.42 -23.88 -12.75
CA GLU B 297 -9.45 -23.71 -14.20
C GLU B 297 -10.63 -24.56 -14.69
N MET B 298 -11.32 -24.11 -15.73
CA MET B 298 -12.42 -24.88 -16.28
C MET B 298 -11.90 -25.92 -17.27
N PRO B 299 -12.63 -27.04 -17.44
CA PRO B 299 -12.31 -28.07 -18.43
C PRO B 299 -12.02 -27.48 -19.83
N ALA B 300 -11.33 -28.24 -20.68
CA ALA B 300 -10.74 -27.71 -21.91
C ALA B 300 -11.69 -27.39 -23.06
N ASP B 301 -12.67 -28.27 -23.30
CA ASP B 301 -13.53 -28.07 -24.46
C ASP B 301 -14.75 -27.22 -24.08
N LEU B 302 -15.68 -27.85 -23.40
CA LEU B 302 -16.96 -27.27 -22.97
C LEU B 302 -17.73 -26.82 -24.23
N PRO B 303 -18.70 -27.66 -24.66
CA PRO B 303 -19.51 -27.57 -25.88
C PRO B 303 -19.99 -26.17 -26.27
N SER B 304 -21.25 -25.85 -26.06
CA SER B 304 -21.75 -24.57 -26.54
C SER B 304 -23.04 -24.15 -25.87
N LEU B 305 -23.50 -24.95 -24.92
CA LEU B 305 -24.68 -24.64 -24.13
C LEU B 305 -25.96 -24.69 -24.95
N ALA B 306 -25.92 -24.04 -26.12
CA ALA B 306 -27.03 -24.00 -27.07
C ALA B 306 -27.63 -25.38 -27.44
N ALA B 307 -26.88 -26.44 -27.16
CA ALA B 307 -27.32 -27.79 -27.55
C ALA B 307 -28.34 -28.40 -26.58
N ASP B 308 -28.16 -28.18 -25.28
CA ASP B 308 -29.09 -28.76 -24.31
C ASP B 308 -30.24 -27.80 -23.96
N PHE B 309 -30.09 -26.53 -24.34
CA PHE B 309 -30.94 -25.49 -23.78
C PHE B 309 -31.64 -24.66 -24.84
N VAL B 310 -31.27 -24.86 -26.10
CA VAL B 310 -31.96 -24.14 -27.17
C VAL B 310 -32.36 -25.07 -28.30
N GLU B 311 -31.39 -25.75 -28.87
CA GLU B 311 -31.67 -26.50 -30.07
C GLU B 311 -32.24 -27.88 -29.77
N SER B 312 -32.07 -28.33 -28.53
CA SER B 312 -32.71 -29.58 -28.14
C SER B 312 -34.23 -29.41 -28.28
N LYS B 313 -34.92 -30.51 -28.55
CA LYS B 313 -36.38 -30.53 -28.66
C LYS B 313 -36.99 -31.13 -27.40
N ASP B 314 -36.23 -31.04 -26.31
CA ASP B 314 -36.62 -31.61 -25.03
C ASP B 314 -36.67 -30.52 -23.96
N VAL B 315 -36.36 -29.30 -24.38
CA VAL B 315 -36.29 -28.16 -23.46
C VAL B 315 -37.57 -27.96 -22.65
N CYS B 316 -38.72 -27.99 -23.33
CA CYS B 316 -40.00 -27.81 -22.65
C CYS B 316 -40.34 -28.95 -21.72
N LYS B 317 -39.92 -30.15 -22.09
CA LYS B 317 -40.26 -31.31 -21.30
C LYS B 317 -39.35 -31.38 -20.08
N ASN B 318 -38.09 -30.98 -20.23
CA ASN B 318 -37.16 -30.97 -19.09
C ASN B 318 -37.51 -29.87 -18.10
N TYR B 319 -37.93 -28.73 -18.64
CA TYR B 319 -38.43 -27.64 -17.83
C TYR B 319 -39.67 -28.03 -17.02
N ALA B 320 -40.69 -28.56 -17.68
CA ALA B 320 -41.94 -28.90 -17.00
C ALA B 320 -41.83 -30.08 -16.02
N GLU B 321 -40.89 -30.98 -16.30
CA GLU B 321 -40.67 -32.19 -15.49
C GLU B 321 -40.04 -31.91 -14.11
N ALA B 322 -39.13 -30.93 -14.07
CA ALA B 322 -38.46 -30.48 -12.84
C ALA B 322 -37.85 -29.11 -13.09
N LYS B 323 -38.66 -28.06 -12.93
CA LYS B 323 -38.27 -26.69 -13.29
C LYS B 323 -37.00 -26.21 -12.62
N ASP B 324 -36.99 -26.33 -11.30
CA ASP B 324 -35.91 -25.77 -10.51
C ASP B 324 -34.57 -26.39 -10.86
N VAL B 325 -34.54 -27.71 -11.06
CA VAL B 325 -33.27 -28.37 -11.42
C VAL B 325 -32.84 -28.18 -12.89
N PHE B 326 -33.79 -28.01 -13.81
CA PHE B 326 -33.41 -27.75 -15.20
C PHE B 326 -32.81 -26.35 -15.29
N LEU B 327 -33.44 -25.38 -14.65
CA LEU B 327 -32.87 -24.02 -14.61
C LEU B 327 -31.58 -23.97 -13.83
N GLY B 328 -31.45 -24.88 -12.87
CA GLY B 328 -30.23 -25.00 -12.11
C GLY B 328 -29.08 -25.44 -13.00
N MET B 329 -29.35 -26.44 -13.84
CA MET B 329 -28.38 -26.93 -14.80
C MET B 329 -27.98 -25.79 -15.72
N PHE B 330 -28.96 -25.02 -16.15
CA PHE B 330 -28.66 -23.89 -17.01
C PHE B 330 -27.65 -22.95 -16.34
N LEU B 331 -27.90 -22.65 -15.08
CA LEU B 331 -27.09 -21.70 -14.34
C LEU B 331 -25.71 -22.29 -14.08
N TYR B 332 -25.68 -23.54 -13.66
CA TYR B 332 -24.42 -24.28 -13.53
C TYR B 332 -23.62 -24.20 -14.82
N GLU B 333 -24.24 -24.60 -15.93
CA GLU B 333 -23.52 -24.61 -17.19
C GLU B 333 -23.04 -23.24 -17.66
N TYR B 334 -23.84 -22.21 -17.44
CA TYR B 334 -23.45 -20.91 -17.93
C TYR B 334 -22.43 -20.27 -17.01
N ALA B 335 -22.59 -20.49 -15.71
CA ALA B 335 -21.69 -19.85 -14.73
C ALA B 335 -20.30 -20.43 -14.84
N ARG B 336 -20.27 -21.76 -14.95
CA ARG B 336 -19.10 -22.57 -15.17
C ARG B 336 -18.16 -21.94 -16.19
N ARG B 337 -18.74 -21.48 -17.29
CA ARG B 337 -17.98 -20.97 -18.43
C ARG B 337 -17.59 -19.50 -18.30
N HIS B 338 -18.17 -18.81 -17.34
CA HIS B 338 -17.96 -17.38 -17.27
C HIS B 338 -17.56 -16.87 -15.88
N PRO B 339 -16.29 -17.10 -15.50
CA PRO B 339 -15.74 -16.46 -14.30
C PRO B 339 -15.54 -14.95 -14.53
N ASP B 340 -15.71 -14.52 -15.78
CA ASP B 340 -15.57 -13.11 -16.13
C ASP B 340 -16.90 -12.36 -15.96
N TYR B 341 -17.98 -13.09 -15.70
CA TYR B 341 -19.28 -12.48 -15.42
C TYR B 341 -19.48 -12.31 -13.92
N SER B 342 -20.09 -11.19 -13.54
CA SER B 342 -20.48 -11.01 -12.14
C SER B 342 -21.55 -12.05 -11.81
N VAL B 343 -21.69 -12.40 -10.53
CA VAL B 343 -22.77 -13.32 -10.13
C VAL B 343 -24.15 -12.72 -10.44
N VAL B 344 -24.29 -11.40 -10.29
CA VAL B 344 -25.60 -10.77 -10.49
C VAL B 344 -26.00 -10.79 -11.96
N LEU B 345 -25.06 -10.53 -12.87
CA LEU B 345 -25.35 -10.72 -14.29
C LEU B 345 -25.79 -12.14 -14.56
N LEU B 346 -25.06 -13.10 -14.01
CA LEU B 346 -25.37 -14.50 -14.25
C LEU B 346 -26.81 -14.85 -13.81
N LEU B 347 -27.30 -14.16 -12.79
CA LEU B 347 -28.64 -14.41 -12.29
C LEU B 347 -29.70 -13.67 -13.10
N ARG B 348 -29.34 -12.50 -13.61
CA ARG B 348 -30.18 -11.82 -14.58
C ARG B 348 -30.37 -12.71 -15.82
N LEU B 349 -29.31 -13.39 -16.25
CA LEU B 349 -29.39 -14.20 -17.46
C LEU B 349 -30.35 -15.35 -17.23
N ALA B 350 -30.21 -16.00 -16.08
CA ALA B 350 -31.00 -17.20 -15.78
C ALA B 350 -32.46 -16.88 -15.56
N LYS B 351 -32.73 -15.62 -15.23
CA LYS B 351 -34.10 -15.21 -14.96
C LYS B 351 -34.79 -14.89 -16.28
N THR B 352 -34.03 -14.32 -17.21
CA THR B 352 -34.50 -14.08 -18.57
C THR B 352 -34.79 -15.39 -19.29
N TYR B 353 -33.88 -16.33 -19.16
CA TYR B 353 -34.05 -17.64 -19.75
C TYR B 353 -35.30 -18.29 -19.19
N GLU B 354 -35.51 -18.18 -17.88
CA GLU B 354 -36.71 -18.69 -17.23
C GLU B 354 -37.96 -18.03 -17.80
N THR B 355 -37.92 -16.71 -17.94
CA THR B 355 -39.08 -15.96 -18.42
C THR B 355 -39.44 -16.36 -19.85
N THR B 356 -38.40 -16.41 -20.70
CA THR B 356 -38.54 -16.85 -22.07
C THR B 356 -39.19 -18.22 -22.15
N LEU B 357 -38.73 -19.15 -21.33
CA LEU B 357 -39.29 -20.49 -21.37
C LEU B 357 -40.75 -20.48 -20.92
N GLU B 358 -41.07 -19.69 -19.88
CA GLU B 358 -42.43 -19.67 -19.35
C GLU B 358 -43.40 -19.23 -20.43
N LYS B 359 -42.91 -18.35 -21.31
CA LYS B 359 -43.67 -17.90 -22.46
C LYS B 359 -43.62 -18.93 -23.59
N CYS B 360 -42.41 -19.28 -24.03
CA CYS B 360 -42.22 -20.08 -25.24
C CYS B 360 -42.62 -21.57 -25.21
N CYS B 361 -42.47 -22.23 -24.07
CA CYS B 361 -42.95 -23.61 -23.96
C CYS B 361 -44.48 -23.72 -23.98
N ALA B 362 -45.16 -22.60 -24.12
CA ALA B 362 -46.62 -22.56 -24.15
C ALA B 362 -47.14 -23.41 -25.30
N ALA B 363 -46.91 -22.93 -26.52
CA ALA B 363 -47.29 -23.67 -27.71
C ALA B 363 -46.66 -22.99 -28.91
N ALA B 364 -47.25 -23.20 -30.09
CA ALA B 364 -46.81 -22.56 -31.34
C ALA B 364 -45.37 -22.91 -31.66
N ASP B 365 -45.03 -24.20 -31.53
CA ASP B 365 -43.63 -24.67 -31.70
C ASP B 365 -42.66 -23.92 -30.78
N PRO B 366 -42.44 -24.45 -29.55
CA PRO B 366 -41.58 -23.78 -28.57
C PRO B 366 -40.20 -23.42 -29.14
N HIS B 367 -39.62 -24.31 -29.94
CA HIS B 367 -38.30 -24.09 -30.54
C HIS B 367 -38.22 -22.84 -31.43
N GLU B 368 -39.34 -22.43 -31.99
CA GLU B 368 -39.36 -21.29 -32.90
C GLU B 368 -39.26 -19.91 -32.21
N CYS B 369 -39.91 -19.74 -31.05
CA CYS B 369 -39.88 -18.44 -30.37
C CYS B 369 -38.66 -18.22 -29.45
N TYR B 370 -38.14 -19.28 -28.84
CA TYR B 370 -37.01 -19.09 -27.95
C TYR B 370 -35.65 -19.25 -28.64
N ALA B 371 -35.65 -19.39 -29.97
CA ALA B 371 -34.44 -19.75 -30.71
C ALA B 371 -33.34 -18.71 -30.57
N LYS B 372 -33.73 -17.46 -30.32
CA LYS B 372 -32.76 -16.38 -30.25
C LYS B 372 -32.61 -15.78 -28.85
N VAL B 373 -32.78 -16.58 -27.80
CA VAL B 373 -32.71 -16.09 -26.42
C VAL B 373 -31.40 -15.41 -26.09
N PHE B 374 -30.31 -16.02 -26.55
CA PHE B 374 -28.98 -15.53 -26.26
C PHE B 374 -28.73 -14.18 -26.91
N ASP B 375 -29.64 -13.77 -27.79
CA ASP B 375 -29.52 -12.47 -28.41
C ASP B 375 -30.08 -11.40 -27.47
N GLU B 376 -30.84 -11.84 -26.48
CA GLU B 376 -31.29 -10.97 -25.41
C GLU B 376 -30.20 -10.84 -24.33
N PHE B 377 -29.28 -11.81 -24.26
CA PHE B 377 -28.26 -11.77 -23.22
C PHE B 377 -27.22 -10.68 -23.49
N LYS B 378 -27.04 -10.35 -24.76
CA LYS B 378 -26.03 -9.36 -25.17
C LYS B 378 -26.17 -8.04 -24.42
N PRO B 379 -27.37 -7.43 -24.44
CA PRO B 379 -27.35 -6.10 -23.82
C PRO B 379 -27.27 -6.15 -22.31
N LEU B 380 -27.64 -7.27 -21.71
CA LEU B 380 -27.51 -7.41 -20.26
C LEU B 380 -26.05 -7.59 -19.83
N VAL B 381 -25.21 -8.06 -20.75
CA VAL B 381 -23.77 -8.27 -20.49
C VAL B 381 -22.98 -6.98 -20.76
N GLU B 382 -23.40 -6.25 -21.79
CA GLU B 382 -22.69 -5.06 -22.25
C GLU B 382 -22.75 -3.92 -21.23
N GLU B 383 -23.94 -3.73 -20.68
CA GLU B 383 -24.20 -2.65 -19.75
C GLU B 383 -23.25 -2.63 -18.55
N PRO B 384 -23.17 -3.77 -17.81
CA PRO B 384 -22.26 -3.78 -16.65
C PRO B 384 -20.83 -3.58 -17.07
N GLN B 385 -20.47 -4.10 -18.24
CA GLN B 385 -19.11 -3.97 -18.76
C GLN B 385 -18.72 -2.52 -18.97
N ASN B 386 -19.60 -1.78 -19.64
CA ASN B 386 -19.30 -0.40 -19.96
C ASN B 386 -19.45 0.49 -18.75
N LEU B 387 -20.26 0.03 -17.80
CA LEU B 387 -20.44 0.77 -16.55
C LEU B 387 -19.10 0.76 -15.82
N ILE B 388 -18.46 -0.40 -15.77
CA ILE B 388 -17.20 -0.54 -15.08
C ILE B 388 -16.03 0.18 -15.77
N LYS B 389 -15.88 -0.02 -17.09
CA LYS B 389 -14.79 0.62 -17.83
C LYS B 389 -14.84 2.12 -17.63
N GLN B 390 -15.99 2.69 -17.95
CA GLN B 390 -16.23 4.13 -17.86
C GLN B 390 -16.00 4.61 -16.44
N ASN B 391 -16.18 3.71 -15.49
CA ASN B 391 -15.90 4.03 -14.09
C ASN B 391 -14.43 3.92 -13.68
N CYS B 392 -13.72 2.93 -14.22
CA CYS B 392 -12.28 2.80 -13.94
C CYS B 392 -11.55 4.00 -14.52
N GLU B 393 -11.99 4.43 -15.69
CA GLU B 393 -11.43 5.61 -16.32
C GLU B 393 -11.57 6.81 -15.41
N LEU B 394 -12.78 7.04 -14.91
CA LEU B 394 -13.03 8.16 -14.04
C LEU B 394 -12.22 8.03 -12.75
N PHE B 395 -12.05 6.79 -12.28
CA PHE B 395 -11.28 6.54 -11.07
C PHE B 395 -9.82 6.81 -11.33
N GLU B 396 -9.31 6.19 -12.39
CA GLU B 396 -7.89 6.29 -12.73
C GLU B 396 -7.44 7.72 -12.90
N GLN B 397 -8.33 8.62 -13.28
CA GLN B 397 -7.94 10.03 -13.46
C GLN B 397 -8.35 10.98 -12.35
N LEU B 398 -8.77 10.45 -11.20
CA LEU B 398 -9.11 11.31 -10.06
C LEU B 398 -8.51 10.83 -8.74
N GLY B 399 -8.30 9.52 -8.64
CA GLY B 399 -7.78 8.93 -7.42
C GLY B 399 -8.91 8.79 -6.42
N GLU B 400 -8.90 7.66 -5.71
CA GLU B 400 -9.96 7.27 -4.77
C GLU B 400 -10.75 8.40 -4.07
N TYR B 401 -10.05 9.38 -3.51
CA TYR B 401 -10.71 10.44 -2.73
C TYR B 401 -11.59 11.34 -3.58
N LYS B 402 -11.08 11.76 -4.72
CA LYS B 402 -11.85 12.62 -5.60
C LYS B 402 -12.97 11.83 -6.32
N PHE B 403 -12.71 10.54 -6.55
CA PHE B 403 -13.68 9.58 -7.06
C PHE B 403 -14.84 9.40 -6.07
N GLN B 404 -14.51 9.29 -4.78
CA GLN B 404 -15.51 9.17 -3.74
C GLN B 404 -16.38 10.43 -3.72
N ASN B 405 -15.76 11.60 -3.81
CA ASN B 405 -16.50 12.84 -3.76
C ASN B 405 -17.47 12.91 -4.93
N ALA B 406 -17.03 12.39 -6.07
CA ALA B 406 -17.83 12.43 -7.28
C ALA B 406 -19.08 11.56 -7.16
N LEU B 407 -18.93 10.40 -6.54
CA LEU B 407 -20.04 9.51 -6.26
C LEU B 407 -20.92 10.13 -5.20
N LEU B 408 -20.27 10.79 -4.24
CA LEU B 408 -20.96 11.41 -3.14
C LEU B 408 -21.96 12.43 -3.68
N VAL B 409 -21.56 13.13 -4.71
CA VAL B 409 -22.42 14.10 -5.34
C VAL B 409 -23.52 13.39 -6.14
N ARG B 410 -23.09 12.49 -7.04
CA ARG B 410 -24.02 11.77 -7.91
C ARG B 410 -25.12 11.09 -7.12
N TYR B 411 -24.76 10.52 -5.95
CA TYR B 411 -25.69 9.78 -5.13
C TYR B 411 -26.53 10.70 -4.23
N THR B 412 -25.95 11.80 -3.78
CA THR B 412 -26.71 12.77 -3.01
C THR B 412 -27.80 13.33 -3.91
N LYS B 413 -27.46 13.51 -5.19
CA LYS B 413 -28.42 14.01 -6.17
C LYS B 413 -29.46 12.96 -6.54
N LYS B 414 -29.06 11.70 -6.58
CA LYS B 414 -30.00 10.61 -6.86
C LYS B 414 -31.09 10.54 -5.81
N VAL B 415 -30.69 10.50 -4.54
CA VAL B 415 -31.65 10.29 -3.45
C VAL B 415 -31.35 11.17 -2.24
N PRO B 416 -31.50 12.49 -2.40
CA PRO B 416 -31.09 13.47 -1.39
C PRO B 416 -31.79 13.35 -0.03
N GLN B 417 -32.94 12.67 0.03
CA GLN B 417 -33.67 12.57 1.30
C GLN B 417 -32.88 11.79 2.32
N VAL B 418 -31.96 10.96 1.83
CA VAL B 418 -31.24 10.02 2.68
C VAL B 418 -30.32 10.74 3.66
N SER B 419 -30.32 10.27 4.91
CA SER B 419 -29.52 10.89 5.97
C SER B 419 -28.07 11.09 5.54
N THR B 420 -27.46 12.19 5.96
CA THR B 420 -26.11 12.50 5.54
C THR B 420 -25.06 11.46 5.93
N PRO B 421 -25.06 11.00 7.21
CA PRO B 421 -24.04 10.03 7.61
C PRO B 421 -24.04 8.78 6.74
N THR B 422 -25.20 8.43 6.19
CA THR B 422 -25.33 7.26 5.33
C THR B 422 -24.79 7.56 3.92
N LEU B 423 -25.14 8.73 3.40
CA LEU B 423 -24.64 9.13 2.10
C LEU B 423 -23.10 9.12 2.13
N VAL B 424 -22.55 9.58 3.24
CA VAL B 424 -21.10 9.67 3.42
C VAL B 424 -20.48 8.27 3.42
N GLU B 425 -21.06 7.36 4.20
CA GLU B 425 -20.50 6.02 4.31
C GLU B 425 -20.64 5.16 3.04
N VAL B 426 -21.86 5.11 2.51
CA VAL B 426 -22.15 4.29 1.35
C VAL B 426 -21.31 4.74 0.15
N SER B 427 -21.21 6.04 -0.03
CA SER B 427 -20.46 6.56 -1.16
C SER B 427 -19.01 6.18 -1.05
N ARG B 428 -18.39 6.47 0.10
CA ARG B 428 -16.98 6.15 0.34
C ARG B 428 -16.70 4.70 0.03
N ASN B 429 -17.64 3.85 0.44
CA ASN B 429 -17.54 2.42 0.20
C ASN B 429 -17.71 2.08 -1.28
N LEU B 430 -18.65 2.74 -1.96
CA LEU B 430 -18.78 2.57 -3.41
C LEU B 430 -17.47 2.96 -4.12
N GLY B 431 -16.88 4.08 -3.69
CA GLY B 431 -15.62 4.58 -4.26
C GLY B 431 -14.48 3.62 -4.04
N LYS B 432 -14.54 2.84 -2.96
CA LYS B 432 -13.49 1.86 -2.70
C LYS B 432 -13.40 0.80 -3.81
N VAL B 433 -14.39 0.76 -4.71
CA VAL B 433 -14.39 -0.23 -5.78
C VAL B 433 -13.28 0.06 -6.77
N GLY B 434 -12.84 1.32 -6.80
CA GLY B 434 -11.78 1.75 -7.68
C GLY B 434 -10.47 1.07 -7.36
N SER B 435 -10.04 1.23 -6.12
CA SER B 435 -8.79 0.63 -5.66
C SER B 435 -8.87 -0.88 -5.74
N LYS B 436 -10.07 -1.41 -5.56
CA LYS B 436 -10.25 -2.84 -5.33
C LYS B 436 -10.35 -3.68 -6.60
N CYS B 437 -10.68 -3.04 -7.72
CA CYS B 437 -11.04 -3.77 -8.93
C CYS B 437 -10.38 -3.23 -10.19
N CYS B 438 -10.20 -1.91 -10.28
CA CYS B 438 -9.70 -1.31 -11.51
C CYS B 438 -8.27 -1.70 -11.88
N LYS B 439 -7.53 -2.17 -10.89
CA LYS B 439 -6.19 -2.72 -11.10
C LYS B 439 -6.24 -3.98 -11.95
N HIS B 440 -7.37 -4.69 -11.89
CA HIS B 440 -7.48 -6.03 -12.47
C HIS B 440 -7.57 -6.10 -13.99
N PRO B 441 -7.26 -7.28 -14.54
CA PRO B 441 -7.51 -7.59 -15.96
C PRO B 441 -9.00 -7.53 -16.27
N GLU B 442 -9.34 -7.41 -17.55
CA GLU B 442 -10.71 -7.20 -17.98
C GLU B 442 -11.63 -8.35 -17.56
N ALA B 443 -11.15 -9.57 -17.71
CA ALA B 443 -11.99 -10.75 -17.47
C ALA B 443 -12.06 -11.10 -15.99
N LYS B 444 -11.81 -10.12 -15.13
CA LYS B 444 -11.72 -10.33 -13.71
C LYS B 444 -12.34 -9.11 -13.04
N ARG B 445 -12.64 -8.11 -13.87
CA ARG B 445 -13.12 -6.82 -13.39
C ARG B 445 -14.60 -6.85 -12.99
N MET B 446 -15.41 -7.60 -13.73
CA MET B 446 -16.86 -7.54 -13.51
C MET B 446 -17.31 -8.19 -12.21
N PRO B 447 -16.89 -9.46 -11.96
CA PRO B 447 -17.37 -10.01 -10.69
C PRO B 447 -16.80 -9.25 -9.49
N CYS B 448 -15.57 -8.76 -9.62
CA CYS B 448 -14.95 -8.04 -8.53
C CYS B 448 -15.71 -6.76 -8.24
N ALA B 449 -16.17 -6.10 -9.29
CA ALA B 449 -16.74 -4.78 -9.13
C ALA B 449 -18.24 -4.84 -8.84
N GLU B 450 -19.00 -5.52 -9.71
CA GLU B 450 -20.46 -5.55 -9.60
C GLU B 450 -20.99 -6.19 -8.34
N ASP B 451 -20.48 -7.38 -8.04
CA ASP B 451 -20.85 -8.05 -6.80
C ASP B 451 -20.44 -7.22 -5.61
N TYR B 452 -19.33 -6.48 -5.73
CA TYR B 452 -18.93 -5.62 -4.63
C TYR B 452 -19.90 -4.48 -4.52
N LEU B 453 -20.30 -3.95 -5.67
CA LEU B 453 -21.29 -2.87 -5.67
C LEU B 453 -22.58 -3.37 -5.03
N SER B 454 -22.99 -4.60 -5.34
CA SER B 454 -24.25 -5.08 -4.76
C SER B 454 -24.17 -5.19 -3.25
N VAL B 455 -23.01 -5.57 -2.70
CA VAL B 455 -22.82 -5.65 -1.25
C VAL B 455 -22.97 -4.30 -0.56
N VAL B 456 -22.35 -3.26 -1.14
CA VAL B 456 -22.47 -1.91 -0.59
C VAL B 456 -23.90 -1.35 -0.69
N LEU B 457 -24.59 -1.65 -1.79
CA LEU B 457 -25.94 -1.15 -1.95
C LEU B 457 -26.87 -1.82 -0.95
N ASN B 458 -26.57 -3.05 -0.58
CA ASN B 458 -27.40 -3.71 0.42
C ASN B 458 -27.27 -3.00 1.78
N GLN B 459 -26.11 -2.39 2.00
CA GLN B 459 -25.91 -1.63 3.22
C GLN B 459 -26.76 -0.38 3.21
N LEU B 460 -26.76 0.31 2.09
CA LEU B 460 -27.69 1.41 1.89
C LEU B 460 -29.09 0.91 2.22
N CYS B 461 -29.49 -0.21 1.62
CA CYS B 461 -30.83 -0.71 1.86
C CYS B 461 -31.15 -0.97 3.33
N VAL B 462 -30.25 -1.63 4.08
CA VAL B 462 -30.61 -1.95 5.46
C VAL B 462 -30.45 -0.77 6.42
N LEU B 463 -29.57 0.17 6.06
CA LEU B 463 -29.40 1.37 6.86
C LEU B 463 -30.62 2.27 6.68
N HIS B 464 -31.34 2.05 5.58
CA HIS B 464 -32.52 2.84 5.21
C HIS B 464 -33.84 2.24 5.68
N GLU B 465 -33.95 0.91 5.74
CA GLU B 465 -35.24 0.29 6.03
C GLU B 465 -35.70 0.54 7.47
N LYS B 466 -34.73 0.77 8.34
CA LYS B 466 -34.96 1.02 9.74
C LYS B 466 -35.74 2.32 9.87
N THR B 467 -35.38 3.30 9.04
CA THR B 467 -36.07 4.60 9.08
C THR B 467 -36.26 5.17 7.68
N PRO B 468 -37.30 4.68 6.97
CA PRO B 468 -37.50 4.94 5.54
C PRO B 468 -37.79 6.41 5.28
N VAL B 469 -37.30 6.92 4.16
CA VAL B 469 -37.40 8.35 3.85
C VAL B 469 -37.34 8.68 2.37
N SER B 470 -36.94 7.70 1.56
CA SER B 470 -36.84 7.87 0.12
C SER B 470 -37.57 6.74 -0.61
N ASP B 471 -38.65 7.09 -1.30
CA ASP B 471 -39.43 6.13 -2.09
C ASP B 471 -38.50 5.42 -3.08
N ARG B 472 -37.57 6.17 -3.64
CA ARG B 472 -36.71 5.60 -4.65
C ARG B 472 -35.84 4.50 -4.06
N VAL B 473 -35.24 4.76 -2.89
CA VAL B 473 -34.43 3.74 -2.24
C VAL B 473 -35.26 2.51 -1.89
N THR B 474 -36.42 2.71 -1.29
CA THR B 474 -37.30 1.58 -0.91
C THR B 474 -37.70 0.73 -2.13
N LYS B 475 -37.86 1.38 -3.29
CA LYS B 475 -38.23 0.65 -4.49
C LYS B 475 -37.06 -0.18 -5.01
N CYS B 476 -35.88 0.42 -5.18
CA CYS B 476 -34.74 -0.35 -5.66
C CYS B 476 -34.46 -1.51 -4.72
N CYS B 477 -34.71 -1.29 -3.43
CA CYS B 477 -34.38 -2.28 -2.43
C CYS B 477 -35.43 -3.39 -2.37
N THR B 478 -36.58 -3.18 -2.98
CA THR B 478 -37.67 -4.12 -2.75
C THR B 478 -37.96 -4.91 -4.00
N GLU B 479 -37.68 -4.28 -5.14
CA GLU B 479 -38.25 -4.67 -6.41
C GLU B 479 -37.67 -5.93 -7.01
N SER B 480 -36.43 -6.24 -6.66
CA SER B 480 -35.68 -7.41 -7.16
C SER B 480 -34.21 -7.26 -6.83
N LEU B 481 -33.71 -8.24 -6.09
CA LEU B 481 -32.40 -8.19 -5.45
C LEU B 481 -31.29 -8.08 -6.47
N VAL B 482 -31.40 -8.89 -7.51
CA VAL B 482 -30.36 -9.03 -8.52
C VAL B 482 -30.19 -7.77 -9.36
N ASN B 483 -31.28 -7.03 -9.50
CA ASN B 483 -31.31 -5.83 -10.33
C ASN B 483 -31.05 -4.53 -9.55
N ARG B 484 -30.57 -4.65 -8.31
CA ARG B 484 -30.34 -3.46 -7.50
C ARG B 484 -29.34 -2.53 -8.11
N ARG B 485 -28.17 -3.05 -8.49
CA ARG B 485 -27.15 -2.19 -9.10
C ARG B 485 -27.64 -1.42 -10.35
N PRO B 486 -28.33 -2.10 -11.30
CA PRO B 486 -28.91 -1.34 -12.41
C PRO B 486 -29.89 -0.30 -11.94
N CYS B 487 -30.74 -0.68 -11.00
CA CYS B 487 -31.85 0.19 -10.60
C CYS B 487 -31.37 1.46 -9.95
N PHE B 488 -30.22 1.41 -9.30
CA PHE B 488 -29.65 2.61 -8.70
C PHE B 488 -28.91 3.43 -9.74
N SER B 489 -28.20 2.72 -10.60
CA SER B 489 -27.40 3.36 -11.64
C SER B 489 -28.29 4.15 -12.58
N ALA B 490 -29.51 3.66 -12.78
CA ALA B 490 -30.51 4.29 -13.65
C ALA B 490 -31.23 5.52 -13.05
N LEU B 491 -31.09 5.73 -11.74
CA LEU B 491 -31.72 6.89 -11.12
C LEU B 491 -31.14 8.20 -11.65
N GLU B 492 -32.03 9.15 -11.91
CA GLU B 492 -31.62 10.47 -12.32
C GLU B 492 -31.75 11.33 -11.10
N VAL B 493 -31.38 12.59 -11.23
CA VAL B 493 -31.45 13.50 -10.10
C VAL B 493 -32.91 13.74 -9.72
N ASP B 494 -33.18 13.72 -8.41
CA ASP B 494 -34.52 13.96 -7.90
C ASP B 494 -34.88 15.43 -8.10
N GLU B 495 -35.86 15.68 -8.96
CA GLU B 495 -36.31 17.02 -9.29
C GLU B 495 -37.30 17.57 -8.29
N THR B 496 -38.01 16.66 -7.61
CA THR B 496 -39.02 17.03 -6.62
C THR B 496 -38.37 17.55 -5.36
N TYR B 497 -37.08 17.28 -5.19
CA TYR B 497 -36.45 17.55 -3.91
C TYR B 497 -36.35 19.04 -3.61
N VAL B 498 -36.78 19.40 -2.40
CA VAL B 498 -36.77 20.80 -1.94
C VAL B 498 -35.52 21.04 -1.10
N PRO B 499 -34.65 21.96 -1.55
CA PRO B 499 -33.38 22.27 -0.91
C PRO B 499 -33.60 22.95 0.43
N LYS B 500 -32.65 22.83 1.36
CA LYS B 500 -32.85 23.38 2.71
C LYS B 500 -31.64 24.15 3.26
N GLU B 501 -31.16 25.13 2.49
CA GLU B 501 -29.87 25.81 2.73
C GLU B 501 -29.62 26.37 4.15
N PHE B 502 -29.54 27.69 4.26
CA PHE B 502 -28.99 28.32 5.46
C PHE B 502 -27.73 27.62 5.95
N ASN B 503 -27.68 27.34 7.26
CA ASN B 503 -26.52 26.71 7.87
C ASN B 503 -26.72 26.20 9.31
N ALA B 504 -26.66 27.14 10.26
CA ALA B 504 -26.42 26.86 11.68
C ALA B 504 -24.99 26.30 11.80
N GLU B 505 -24.81 25.16 12.46
CA GLU B 505 -23.45 24.60 12.63
C GLU B 505 -23.02 23.68 11.47
N THR B 506 -23.93 23.38 10.56
CA THR B 506 -23.65 22.43 9.49
C THR B 506 -22.77 23.00 8.37
N PHE B 507 -21.83 23.87 8.74
CA PHE B 507 -20.86 24.44 7.80
C PHE B 507 -19.69 25.10 8.53
N THR B 508 -19.90 25.42 9.81
CA THR B 508 -18.83 26.02 10.60
C THR B 508 -18.00 24.97 11.30
N PHE B 509 -16.83 24.71 10.75
CA PHE B 509 -15.90 23.84 11.44
C PHE B 509 -15.16 24.50 12.58
N HIS B 510 -14.90 23.73 13.63
CA HIS B 510 -14.17 24.25 14.76
C HIS B 510 -12.81 23.57 14.93
N ALA B 511 -12.06 23.97 15.95
CA ALA B 511 -10.64 23.64 16.03
C ALA B 511 -10.19 22.27 16.51
N ASP B 512 -11.09 21.51 17.13
CA ASP B 512 -10.70 20.15 17.55
C ASP B 512 -10.70 19.20 16.34
N ILE B 513 -10.96 19.78 15.17
CA ILE B 513 -10.91 19.10 13.89
C ILE B 513 -9.42 18.87 13.52
N CYS B 514 -8.53 19.48 14.29
CA CYS B 514 -7.10 19.40 14.05
C CYS B 514 -6.49 18.21 14.77
N THR B 515 -7.19 17.71 15.80
CA THR B 515 -6.71 16.57 16.60
C THR B 515 -7.28 15.26 16.08
N LEU B 516 -8.15 15.35 15.07
CA LEU B 516 -8.78 14.19 14.43
C LEU B 516 -7.91 13.55 13.32
N SER B 517 -8.08 12.24 13.12
CA SER B 517 -7.34 11.47 12.10
C SER B 517 -7.65 11.99 10.71
N GLU B 518 -6.78 11.69 9.74
CA GLU B 518 -6.93 12.30 8.43
C GLU B 518 -8.24 11.89 7.80
N LYS B 519 -8.53 10.60 7.91
CA LYS B 519 -9.74 10.05 7.31
C LYS B 519 -10.96 10.68 7.97
N GLU B 520 -11.03 10.60 9.29
CA GLU B 520 -12.10 11.22 10.06
C GLU B 520 -12.27 12.71 9.75
N ARG B 521 -11.21 13.35 9.25
CA ARG B 521 -11.23 14.78 8.94
C ARG B 521 -11.93 15.01 7.60
N GLN B 522 -11.63 14.13 6.64
CA GLN B 522 -12.27 14.12 5.33
C GLN B 522 -13.75 13.91 5.52
N ILE B 523 -14.10 13.12 6.53
CA ILE B 523 -15.48 12.71 6.70
C ILE B 523 -16.43 13.89 6.96
N LYS B 524 -15.99 14.91 7.70
CA LYS B 524 -16.82 16.11 7.77
C LYS B 524 -16.53 17.09 6.64
N LYS B 525 -15.48 16.84 5.87
CA LYS B 525 -15.26 17.60 4.65
C LYS B 525 -16.30 17.07 3.69
N GLN B 526 -16.41 15.73 3.65
CA GLN B 526 -17.37 15.05 2.80
C GLN B 526 -18.80 15.23 3.35
N THR B 527 -18.94 15.28 4.68
CA THR B 527 -20.24 15.56 5.28
C THR B 527 -20.74 16.90 4.77
N ALA B 528 -19.86 17.90 4.80
CA ALA B 528 -20.20 19.24 4.38
C ALA B 528 -20.36 19.37 2.87
N LEU B 529 -19.76 18.45 2.10
CA LEU B 529 -19.98 18.42 0.65
C LEU B 529 -21.41 17.97 0.41
N VAL B 530 -21.87 17.04 1.24
CA VAL B 530 -23.21 16.51 1.12
C VAL B 530 -24.22 17.59 1.45
N GLU B 531 -23.96 18.36 2.51
CA GLU B 531 -24.86 19.44 2.89
C GLU B 531 -24.81 20.56 1.89
N LEU B 532 -23.67 20.68 1.21
CA LEU B 532 -23.48 21.72 0.22
C LEU B 532 -24.36 21.39 -1.00
N VAL B 533 -24.33 20.12 -1.40
CA VAL B 533 -25.19 19.61 -2.46
C VAL B 533 -26.66 19.54 -2.02
N LYS B 534 -26.88 19.02 -0.81
CA LYS B 534 -28.24 18.70 -0.33
C LYS B 534 -29.15 19.91 -0.32
N HIS B 535 -28.57 21.09 -0.32
CA HIS B 535 -29.39 22.28 -0.16
C HIS B 535 -29.15 23.21 -1.31
N LYS B 536 -28.11 22.95 -2.07
CA LYS B 536 -27.86 23.77 -3.23
C LYS B 536 -27.57 22.85 -4.41
N PRO B 537 -28.58 22.06 -4.83
CA PRO B 537 -28.34 21.16 -5.94
C PRO B 537 -28.23 22.00 -7.20
N LYS B 538 -28.04 21.37 -8.34
CA LYS B 538 -27.80 22.05 -9.61
C LYS B 538 -26.59 23.00 -9.51
N ALA B 539 -25.75 22.83 -8.48
CA ALA B 539 -24.54 23.64 -8.34
C ALA B 539 -23.39 23.08 -9.16
N THR B 540 -23.66 22.76 -10.41
CA THR B 540 -22.73 22.04 -11.29
C THR B 540 -21.78 20.99 -10.69
N LYS B 541 -20.49 21.25 -10.87
CA LYS B 541 -19.46 20.25 -10.74
C LYS B 541 -18.18 21.02 -10.52
N GLU B 542 -18.13 22.22 -11.06
CA GLU B 542 -16.91 23.02 -11.03
C GLU B 542 -16.87 24.04 -9.89
N GLN B 543 -18.02 24.56 -9.46
CA GLN B 543 -17.97 25.36 -8.25
C GLN B 543 -18.20 24.47 -7.03
N LEU B 544 -18.34 23.17 -7.29
CA LEU B 544 -18.32 22.19 -6.22
C LEU B 544 -16.85 21.88 -5.88
N LYS B 545 -16.03 21.63 -6.89
CA LYS B 545 -14.59 21.43 -6.73
C LYS B 545 -13.86 22.74 -6.36
N ALA B 546 -14.57 23.86 -6.43
CA ALA B 546 -14.01 25.15 -6.03
C ALA B 546 -14.36 25.41 -4.57
N VAL B 547 -15.42 24.73 -4.10
CA VAL B 547 -15.80 24.77 -2.71
C VAL B 547 -15.05 23.66 -1.93
N MET B 548 -14.56 22.65 -2.66
CA MET B 548 -13.76 21.58 -2.04
C MET B 548 -12.27 21.92 -2.00
N ASP B 549 -11.76 22.51 -3.07
CA ASP B 549 -10.39 23.03 -3.10
C ASP B 549 -10.25 24.05 -1.98
N ASP B 550 -11.28 24.89 -1.86
CA ASP B 550 -11.36 25.94 -0.87
C ASP B 550 -11.19 25.35 0.50
N PHE B 551 -11.62 24.10 0.65
CA PHE B 551 -11.57 23.48 1.95
C PHE B 551 -10.20 22.98 2.39
N ALA B 552 -9.41 22.51 1.44
CA ALA B 552 -8.09 21.96 1.75
C ALA B 552 -7.23 23.05 2.36
N ALA B 553 -7.00 24.11 1.59
CA ALA B 553 -6.15 25.20 2.04
C ALA B 553 -6.66 25.83 3.32
N PHE B 554 -7.97 26.05 3.42
CA PHE B 554 -8.55 26.74 4.56
C PHE B 554 -8.30 26.03 5.89
N VAL B 555 -8.32 24.70 5.88
CA VAL B 555 -8.06 23.93 7.09
C VAL B 555 -6.58 23.70 7.35
N GLU B 556 -5.84 23.42 6.28
CA GLU B 556 -4.39 23.23 6.33
C GLU B 556 -3.71 24.40 7.02
N LYS B 557 -4.18 25.61 6.72
CA LYS B 557 -3.56 26.82 7.24
C LYS B 557 -4.08 27.23 8.63
N CYS B 558 -5.40 27.16 8.85
CA CYS B 558 -5.95 27.57 10.16
C CYS B 558 -5.64 26.60 11.29
N CYS B 559 -5.06 25.45 10.96
CA CYS B 559 -4.50 24.58 11.98
C CYS B 559 -3.06 24.96 12.29
N LYS B 560 -2.46 25.78 11.43
CA LYS B 560 -1.09 26.27 11.59
C LYS B 560 -1.07 27.64 12.24
N ALA B 561 -2.27 28.22 12.35
CA ALA B 561 -2.51 29.60 12.75
C ALA B 561 -1.87 30.07 14.06
N ASP B 562 -1.48 29.13 14.91
CA ASP B 562 -0.94 29.40 16.25
C ASP B 562 -1.77 30.43 17.05
N ASP B 563 -2.97 30.70 16.52
CA ASP B 563 -3.85 31.74 17.01
C ASP B 563 -4.67 31.11 18.13
N LYS B 564 -5.66 31.84 18.63
CA LYS B 564 -6.58 31.32 19.64
C LYS B 564 -7.75 30.64 18.89
N GLU B 565 -7.42 30.05 17.75
CA GLU B 565 -8.38 29.46 16.80
C GLU B 565 -9.65 30.28 16.55
N THR B 566 -9.46 31.47 15.99
CA THR B 566 -10.55 32.29 15.50
C THR B 566 -10.53 32.26 13.97
N CYS B 567 -9.54 31.59 13.37
CA CYS B 567 -9.58 31.32 11.92
C CYS B 567 -10.74 30.44 11.66
N PHE B 568 -10.98 29.51 12.58
CA PHE B 568 -12.17 28.66 12.52
C PHE B 568 -13.35 29.52 12.97
N ALA B 569 -13.63 30.53 12.14
CA ALA B 569 -14.66 31.55 12.32
C ALA B 569 -14.39 32.58 11.23
N GLU B 570 -13.17 33.09 11.24
CA GLU B 570 -12.73 34.14 10.30
C GLU B 570 -12.88 33.75 8.85
N GLU B 571 -12.08 32.80 8.39
CA GLU B 571 -12.23 32.29 7.03
C GLU B 571 -13.38 31.31 6.99
N GLY B 572 -14.01 31.12 8.15
CA GLY B 572 -15.24 30.37 8.24
C GLY B 572 -16.37 31.24 7.72
N LYS B 573 -16.30 32.53 8.04
CA LYS B 573 -17.33 33.47 7.61
C LYS B 573 -17.01 34.09 6.26
N LYS B 574 -15.78 33.91 5.78
CA LYS B 574 -15.37 34.43 4.48
C LYS B 574 -15.88 33.56 3.32
N LEU B 575 -16.65 32.53 3.65
CA LEU B 575 -17.17 31.60 2.66
C LEU B 575 -18.70 31.63 2.56
N VAL B 576 -19.36 32.03 3.66
CA VAL B 576 -20.81 31.90 3.80
C VAL B 576 -21.66 32.71 2.81
N ALA B 577 -21.17 33.89 2.44
CA ALA B 577 -21.93 34.76 1.55
C ALA B 577 -21.59 34.42 0.11
N ALA B 578 -20.30 34.21 -0.15
CA ALA B 578 -19.77 33.93 -1.47
C ALA B 578 -20.17 32.55 -2.02
N SER B 579 -20.58 31.64 -1.14
CA SER B 579 -20.99 30.31 -1.55
C SER B 579 -22.36 30.31 -2.24
N GLN B 580 -23.39 30.84 -1.55
CA GLN B 580 -24.75 30.90 -2.09
C GLN B 580 -24.79 31.82 -3.31
N ALA B 581 -23.91 32.83 -3.25
CA ALA B 581 -23.72 33.81 -4.30
C ALA B 581 -22.35 33.60 -4.93
N ALA B 582 -21.60 34.68 -5.10
CA ALA B 582 -20.23 34.62 -5.66
C ALA B 582 -19.30 35.71 -5.10
C1 EHF C . 17.75 9.74 4.82
C2 EHF C . 17.05 10.68 5.58
C3 EHF C . 16.39 10.24 6.72
C4 EHF C . 16.44 8.85 7.09
C5 EHF C . 17.14 7.93 6.32
C6 EHF C . 17.79 8.37 5.16
N7 EHF C . 15.79 8.46 8.20
C8 EHF C . 15.80 7.17 8.60
C9 EHF C . 16.46 6.14 7.90
C10 EHF C . 17.16 6.51 6.70
C11 EHF C . 15.19 6.55 9.74
N12 EHF C . 15.45 5.27 9.74
C13 EHF C . 16.21 4.95 8.67
C14 EHF C . 14.43 7.21 10.73
C15 EHF C . 13.91 6.48 11.78
C16 EHF C . 14.20 5.09 11.75
C17 EHF C . 14.96 4.51 10.74
O18 EHF C . 15.23 3.14 10.74
C19 EHF C . 13.65 4.19 12.86
C20 EHF C . 13.09 7.20 12.87
C21 EHF C . 11.63 6.81 12.72
O22 EHF C . 10.94 6.45 13.73
O23 EHF C . 11.09 6.87 11.59
O24 EHF C . 13.65 6.89 14.13
C25 EHF C . 13.17 8.70 12.73
C26 EHF C . 14.20 9.34 13.64
O27 EHF C . 12.51 3.54 12.27
C1 EHF D . -15.81 -7.26 11.72
C2 EHF D . -14.90 -7.94 12.55
C3 EHF D . -14.01 -7.20 13.31
C4 EHF D . -14.02 -5.78 13.24
C5 EHF D . -14.92 -5.11 12.43
C6 EHF D . -15.83 -5.87 11.65
N7 EHF D . -13.16 -5.07 13.99
C8 EHF D . -13.12 -3.73 13.97
C9 EHF D . -13.98 -2.96 13.18
C10 EHF D . -14.92 -3.65 12.36
C11 EHF D . -12.29 -2.79 14.70
N12 EHF D . -12.61 -1.58 14.35
C13 EHF D . -13.62 -1.60 13.44
C14 EHF D . -11.26 -3.06 15.62
C15 EHF D . -10.57 -2.03 16.22
C16 EHF D . -10.95 -0.71 15.83
C17 EHF D . -11.96 -0.52 14.90
O18 EHF D . -12.32 0.77 14.55
C19 EHF D . -10.27 0.55 16.37
C20 EHF D . -9.45 -2.35 17.21
C21 EHF D . -8.18 -2.29 16.37
O22 EHF D . -8.01 -3.11 15.42
O23 EHF D . -7.32 -1.38 16.64
O24 EHF D . -9.43 -1.44 18.25
C25 EHF D . -9.64 -3.69 17.88
C26 EHF D . -10.61 -3.61 19.04
O27 EHF D . -9.93 1.36 15.21
#